data_1LPF
#
_entry.id   1LPF
#
_cell.length_a   113.600
_cell.length_b   66.400
_cell.length_c   164.300
_cell.angle_alpha   90.00
_cell.angle_beta   99.20
_cell.angle_gamma   90.00
#
_symmetry.space_group_name_H-M   'C 1 2 1'
#
loop_
_entity.id
_entity.type
_entity.pdbx_description
1 polymer 'DIHYDROLIPOAMIDE DEHYDROGENASE'
2 non-polymer 'FLAVIN-ADENINE DINUCLEOTIDE'
#
_entity_poly.entity_id   1
_entity_poly.type   'polypeptide(L)'
_entity_poly.pdbx_seq_one_letter_code
;SQKFDVVVIGAGPGGYVAAIRAAQLGLKTACIEKYIGKEGKVALGGTCLNVGCIPSKALLDSSYKYHEAKEAFKVHGIEA
KGVTIDVPAMVARKANIVKNLTGGIATLFKANGVTSFEGHGKLLANKQVEVTGLDGKTQVLEAENVIIASGSRPVEIPPA
PLSDDIIVDSTGALEFQAVPKKLGVIGAGVIGLELGSVWARLGAEVTVLEALDKFLPAADEQIAKEALKVLTKQGLNIRL
GARVTASEVKKKQVTVTFTDANGEQKETFDKLIVAVGRRPVTTDLLAADSGVTLDERGFIYVDDHCKTSVPGVFAIGDVV
RGAMLAHKASEEGVMVAERIAGHKAQMNYDLIPSVIYTHPEIAWVGKTEQTLKAEGVEVNVGTFPFAASGRAMAANDTTG
LVKVIADAKTDRVLGVHVIGPSAAELVQQGAIGMEFGTSAEDLGMMVFSHPTLSEALHEAALAVNGHAIHIANRKKR
;
_entity_poly.pdbx_strand_id   A,B
#
loop_
_chem_comp.id
_chem_comp.type
_chem_comp.name
_chem_comp.formula
FAD non-polymer 'FLAVIN-ADENINE DINUCLEOTIDE' 'C27 H33 N9 O15 P2'
#
# COMPACT_ATOMS: atom_id res chain seq x y z
N SER A 1 4.54 -19.39 -41.22
CA SER A 1 5.05 -18.36 -42.11
C SER A 1 6.54 -18.63 -42.19
N GLN A 2 7.35 -17.76 -42.77
CA GLN A 2 8.77 -18.09 -42.81
C GLN A 2 9.65 -17.13 -42.04
N LYS A 3 9.64 -15.82 -42.30
CA LYS A 3 10.59 -14.92 -41.65
C LYS A 3 9.92 -14.07 -40.57
N PHE A 4 10.64 -13.79 -39.47
CA PHE A 4 10.21 -12.90 -38.40
C PHE A 4 11.46 -12.22 -37.87
N ASP A 5 11.24 -11.06 -37.26
CA ASP A 5 12.33 -10.26 -36.66
C ASP A 5 12.69 -10.81 -35.30
N VAL A 6 11.60 -11.15 -34.60
CA VAL A 6 11.75 -11.82 -33.33
C VAL A 6 10.80 -12.99 -33.23
N VAL A 7 11.40 -14.12 -32.80
CA VAL A 7 10.63 -15.30 -32.51
C VAL A 7 10.89 -15.56 -31.03
N VAL A 8 9.82 -15.58 -30.24
CA VAL A 8 9.93 -15.68 -28.79
C VAL A 8 9.49 -17.09 -28.44
N ILE A 9 10.20 -17.80 -27.57
CA ILE A 9 9.90 -19.15 -27.19
C ILE A 9 9.49 -19.08 -25.77
N GLY A 10 8.26 -19.31 -25.48
CA GLY A 10 7.79 -19.25 -24.12
C GLY A 10 6.87 -18.06 -24.03
N ALA A 11 5.70 -18.17 -23.46
CA ALA A 11 4.84 -17.03 -23.29
C ALA A 11 4.56 -16.77 -21.78
N GLY A 12 5.60 -16.90 -20.95
CA GLY A 12 5.44 -16.52 -19.56
C GLY A 12 5.76 -15.03 -19.47
N PRO A 13 5.94 -14.46 -18.27
CA PRO A 13 6.26 -13.06 -18.09
C PRO A 13 7.44 -12.64 -18.90
N GLY A 14 8.53 -13.33 -18.87
CA GLY A 14 9.64 -12.93 -19.73
C GLY A 14 9.25 -12.96 -21.20
N GLY A 15 8.51 -13.97 -21.64
CA GLY A 15 8.29 -14.05 -23.06
C GLY A 15 7.15 -13.23 -23.58
N TYR A 16 5.98 -13.24 -22.96
CA TYR A 16 4.89 -12.50 -23.54
C TYR A 16 5.13 -11.02 -23.50
N VAL A 17 5.79 -10.57 -22.46
CA VAL A 17 6.10 -9.16 -22.32
C VAL A 17 7.11 -8.79 -23.38
N ALA A 18 8.21 -9.53 -23.54
CA ALA A 18 9.20 -9.31 -24.60
C ALA A 18 8.55 -9.28 -25.95
N ALA A 19 7.59 -10.19 -26.21
CA ALA A 19 6.89 -10.28 -27.48
C ALA A 19 6.10 -9.00 -27.61
N ILE A 20 5.23 -8.67 -26.65
CA ILE A 20 4.46 -7.41 -26.71
C ILE A 20 5.32 -6.15 -26.84
N ARG A 21 6.46 -6.04 -26.19
CA ARG A 21 7.27 -4.88 -26.33
C ARG A 21 7.82 -4.89 -27.72
N ALA A 22 8.46 -5.94 -28.24
CA ALA A 22 9.05 -5.89 -29.56
C ALA A 22 8.00 -5.55 -30.60
N ALA A 23 6.77 -6.10 -30.47
CA ALA A 23 5.70 -5.77 -31.35
C ALA A 23 5.42 -4.27 -31.36
N GLN A 24 5.27 -3.66 -30.19
CA GLN A 24 5.09 -2.21 -30.08
C GLN A 24 6.28 -1.49 -30.64
N LEU A 25 7.50 -1.97 -30.55
CA LEU A 25 8.62 -1.32 -31.20
C LEU A 25 8.58 -1.45 -32.72
N GLY A 26 7.62 -2.19 -33.23
CA GLY A 26 7.48 -2.39 -34.66
C GLY A 26 8.23 -3.61 -35.24
N LEU A 27 8.64 -4.58 -34.42
CA LEU A 27 9.21 -5.78 -34.97
C LEU A 27 8.12 -6.81 -35.34
N LYS A 28 8.24 -7.53 -36.49
CA LYS A 28 7.31 -8.59 -36.83
C LYS A 28 7.76 -9.70 -35.89
N THR A 29 6.81 -10.00 -35.01
CA THR A 29 7.05 -10.87 -33.89
C THR A 29 6.04 -12.03 -33.85
N ALA A 30 6.62 -13.16 -33.49
CA ALA A 30 5.87 -14.37 -33.30
C ALA A 30 6.36 -14.93 -32.00
N CYS A 31 5.47 -15.57 -31.27
CA CYS A 31 5.82 -16.16 -30.00
C CYS A 31 5.27 -17.58 -30.07
N ILE A 32 6.03 -18.53 -29.55
CA ILE A 32 5.72 -19.93 -29.57
C ILE A 32 5.39 -20.39 -28.18
N GLU A 33 4.35 -21.15 -27.91
CA GLU A 33 4.02 -21.56 -26.57
C GLU A 33 3.28 -22.85 -26.71
N LYS A 34 3.60 -23.85 -25.89
CA LYS A 34 2.93 -25.17 -25.90
C LYS A 34 2.16 -25.52 -24.63
N TYR A 35 1.89 -24.69 -23.64
CA TYR A 35 1.34 -25.16 -22.39
C TYR A 35 -0.11 -25.44 -22.71
N ILE A 36 -0.65 -26.66 -22.64
CA ILE A 36 -2.08 -26.86 -22.87
C ILE A 36 -2.65 -26.65 -21.49
N GLY A 37 -3.48 -25.64 -21.46
CA GLY A 37 -4.07 -25.08 -20.29
C GLY A 37 -4.90 -25.97 -19.46
N LYS A 38 -5.95 -25.35 -18.95
CA LYS A 38 -6.88 -26.03 -18.08
C LYS A 38 -8.20 -26.40 -18.79
N GLU A 39 -8.57 -25.74 -19.87
CA GLU A 39 -9.77 -26.11 -20.61
C GLU A 39 -9.27 -26.59 -21.96
N GLY A 40 -8.28 -27.48 -22.05
CA GLY A 40 -7.86 -28.04 -23.32
C GLY A 40 -7.04 -27.18 -24.24
N LYS A 41 -7.32 -25.88 -24.47
CA LYS A 41 -6.53 -25.06 -25.39
C LYS A 41 -5.23 -24.51 -24.79
N VAL A 42 -4.25 -24.10 -25.62
CA VAL A 42 -3.03 -23.53 -25.07
C VAL A 42 -3.33 -22.28 -24.24
N ALA A 43 -2.61 -22.16 -23.13
CA ALA A 43 -2.71 -21.00 -22.28
C ALA A 43 -1.41 -20.21 -22.21
N LEU A 44 -1.58 -18.95 -22.59
CA LEU A 44 -0.49 -17.98 -22.49
C LEU A 44 -0.29 -17.53 -21.02
N GLY A 45 0.80 -16.89 -20.60
CA GLY A 45 0.92 -16.53 -19.18
C GLY A 45 1.93 -17.37 -18.40
N GLY A 46 2.27 -18.59 -18.87
CA GLY A 46 3.31 -19.42 -18.28
C GLY A 46 3.03 -19.88 -16.85
N THR A 47 4.11 -20.02 -16.08
CA THR A 47 4.02 -20.40 -14.68
C THR A 47 3.38 -19.38 -13.81
N CYS A 48 3.83 -18.14 -13.90
CA CYS A 48 3.29 -17.06 -13.11
C CYS A 48 1.78 -16.95 -13.17
N LEU A 49 1.27 -16.91 -14.38
CA LEU A 49 -0.15 -16.79 -14.48
C LEU A 49 -0.90 -18.09 -14.31
N ASN A 50 -0.30 -19.25 -14.53
CA ASN A 50 -1.15 -20.45 -14.55
C ASN A 50 -1.09 -21.31 -13.32
N VAL A 51 0.12 -21.33 -12.76
CA VAL A 51 0.40 -22.14 -11.59
C VAL A 51 1.28 -21.41 -10.55
N GLY A 52 1.47 -20.10 -10.76
CA GLY A 52 2.40 -19.32 -9.97
C GLY A 52 1.75 -18.18 -9.23
N CYS A 53 2.31 -17.02 -9.57
CA CYS A 53 1.94 -15.72 -9.05
C CYS A 53 0.44 -15.57 -8.89
N ILE A 54 -0.36 -15.49 -9.96
CA ILE A 54 -1.76 -15.22 -9.71
C ILE A 54 -2.48 -16.28 -8.90
N PRO A 55 -2.39 -17.62 -9.01
CA PRO A 55 -3.19 -18.55 -8.22
C PRO A 55 -2.74 -18.58 -6.76
N SER A 56 -1.44 -18.60 -6.49
CA SER A 56 -1.07 -18.61 -5.09
C SER A 56 -1.58 -17.33 -4.40
N LYS A 57 -1.45 -16.12 -5.01
CA LYS A 57 -2.03 -14.90 -4.45
C LYS A 57 -3.50 -14.99 -4.19
N ALA A 58 -4.28 -15.41 -5.17
CA ALA A 58 -5.69 -15.49 -4.87
C ALA A 58 -6.00 -16.45 -3.75
N LEU A 59 -5.25 -17.50 -3.49
CA LEU A 59 -5.63 -18.37 -2.39
C LEU A 59 -5.24 -17.75 -1.09
N LEU A 60 -4.06 -17.19 -1.04
CA LEU A 60 -3.59 -16.44 0.10
C LEU A 60 -4.64 -15.37 0.47
N ASP A 61 -5.23 -14.61 -0.45
CA ASP A 61 -6.28 -13.69 -0.04
C ASP A 61 -7.52 -14.34 0.52
N SER A 62 -8.17 -15.27 -0.15
CA SER A 62 -9.38 -15.86 0.40
C SER A 62 -9.08 -16.57 1.72
N SER A 63 -7.90 -17.18 1.90
CA SER A 63 -7.70 -17.88 3.13
C SER A 63 -7.57 -16.89 4.25
N TYR A 64 -6.86 -15.78 3.95
CA TYR A 64 -6.76 -14.69 4.88
C TYR A 64 -8.12 -14.14 5.31
N LYS A 65 -9.03 -13.85 4.40
CA LYS A 65 -10.29 -13.30 4.80
C LYS A 65 -10.98 -14.23 5.73
N TYR A 66 -10.87 -15.51 5.42
CA TYR A 66 -11.45 -16.54 6.25
C TYR A 66 -10.87 -16.44 7.63
N HIS A 67 -9.56 -16.37 7.67
CA HIS A 67 -8.89 -16.26 8.94
C HIS A 67 -9.35 -15.07 9.75
N GLU A 68 -9.48 -13.89 9.13
CA GLU A 68 -9.85 -12.66 9.82
C GLU A 68 -11.28 -12.84 10.32
N ALA A 69 -12.22 -13.26 9.51
CA ALA A 69 -13.57 -13.45 9.96
C ALA A 69 -13.66 -14.39 11.12
N LYS A 70 -12.68 -15.25 11.30
CA LYS A 70 -12.76 -16.15 12.40
C LYS A 70 -11.91 -15.63 13.57
N GLU A 71 -10.76 -14.98 13.42
CA GLU A 71 -9.93 -14.62 14.56
C GLU A 71 -9.95 -13.15 14.95
N ALA A 72 -10.24 -12.23 14.02
CA ALA A 72 -10.07 -10.79 14.24
C ALA A 72 -11.25 -9.89 14.01
N PHE A 73 -12.43 -10.45 13.95
CA PHE A 73 -13.62 -9.71 13.71
C PHE A 73 -14.34 -9.22 14.96
N LYS A 74 -14.07 -9.87 16.08
CA LYS A 74 -14.84 -9.59 17.28
C LYS A 74 -14.36 -8.32 17.90
N VAL A 75 -13.06 -8.01 17.74
CA VAL A 75 -12.56 -6.75 18.26
C VAL A 75 -13.26 -5.61 17.55
N HIS A 76 -13.80 -5.73 16.33
CA HIS A 76 -14.55 -4.68 15.71
C HIS A 76 -16.01 -4.71 16.11
N GLY A 77 -16.40 -5.65 16.96
CA GLY A 77 -17.81 -5.85 17.32
C GLY A 77 -18.58 -6.51 16.21
N ILE A 78 -17.93 -7.33 15.40
CA ILE A 78 -18.54 -8.05 14.31
C ILE A 78 -18.58 -9.57 14.64
N GLU A 79 -19.77 -10.10 14.98
CA GLU A 79 -19.93 -11.55 15.30
C GLU A 79 -20.58 -12.33 14.13
N ALA A 80 -19.76 -12.90 13.27
CA ALA A 80 -20.26 -13.79 12.19
C ALA A 80 -20.61 -15.11 12.87
N LYS A 81 -21.87 -15.59 12.90
CA LYS A 81 -22.16 -16.85 13.59
C LYS A 81 -21.77 -17.91 12.59
N GLY A 82 -20.79 -18.67 13.06
CA GLY A 82 -20.25 -19.82 12.35
C GLY A 82 -19.93 -19.58 10.88
N VAL A 83 -18.72 -19.12 10.66
CA VAL A 83 -18.30 -18.91 9.30
C VAL A 83 -17.63 -20.19 8.77
N THR A 84 -17.81 -20.59 7.50
CA THR A 84 -17.18 -21.76 6.89
C THR A 84 -16.65 -21.40 5.53
N ILE A 85 -15.73 -22.24 5.10
CA ILE A 85 -15.12 -22.08 3.81
C ILE A 85 -15.48 -23.32 2.97
N ASP A 86 -15.85 -23.11 1.71
CA ASP A 86 -16.07 -24.17 0.77
C ASP A 86 -14.79 -24.16 -0.09
N VAL A 87 -13.79 -24.98 0.23
CA VAL A 87 -12.54 -25.04 -0.52
C VAL A 87 -12.71 -25.20 -2.02
N PRO A 88 -13.57 -26.06 -2.58
CA PRO A 88 -13.91 -26.09 -4.00
C PRO A 88 -14.28 -24.76 -4.60
N ALA A 89 -15.10 -23.99 -3.88
CA ALA A 89 -15.59 -22.72 -4.36
C ALA A 89 -14.48 -21.69 -4.41
N MET A 90 -13.62 -21.82 -3.41
CA MET A 90 -12.48 -20.97 -3.28
C MET A 90 -11.60 -21.19 -4.49
N VAL A 91 -11.28 -22.46 -4.70
CA VAL A 91 -10.38 -22.85 -5.76
C VAL A 91 -11.02 -22.45 -7.09
N ALA A 92 -12.33 -22.54 -7.22
CA ALA A 92 -12.96 -22.13 -8.46
C ALA A 92 -12.72 -20.70 -8.82
N ARG A 93 -12.77 -19.84 -7.81
CA ARG A 93 -12.58 -18.42 -8.04
C ARG A 93 -11.23 -18.13 -8.59
N LYS A 94 -10.29 -18.96 -8.14
CA LYS A 94 -8.93 -18.87 -8.56
C LYS A 94 -8.85 -19.25 -10.02
N ALA A 95 -9.55 -20.33 -10.32
CA ALA A 95 -9.54 -20.91 -11.66
C ALA A 95 -9.95 -19.92 -12.72
N ASN A 96 -11.02 -19.29 -12.26
CA ASN A 96 -11.68 -18.23 -12.95
C ASN A 96 -10.85 -17.02 -13.34
N ILE A 97 -10.09 -16.53 -12.36
CA ILE A 97 -9.24 -15.39 -12.51
C ILE A 97 -8.23 -15.83 -13.52
N VAL A 98 -7.64 -17.01 -13.35
CA VAL A 98 -6.64 -17.51 -14.28
C VAL A 98 -7.19 -17.57 -15.70
N LYS A 99 -8.37 -18.12 -15.83
CA LYS A 99 -9.03 -18.17 -17.11
C LYS A 99 -9.12 -16.82 -17.76
N ASN A 100 -9.65 -15.86 -17.03
CA ASN A 100 -9.79 -14.50 -17.51
C ASN A 100 -8.45 -13.87 -17.80
N LEU A 101 -7.35 -14.11 -17.07
CA LEU A 101 -6.13 -13.41 -17.40
C LEU A 101 -5.48 -14.03 -18.61
N THR A 102 -5.41 -15.34 -18.66
CA THR A 102 -4.95 -16.12 -19.80
C THR A 102 -5.52 -15.54 -21.09
N GLY A 103 -6.84 -15.34 -21.06
CA GLY A 103 -7.53 -14.74 -22.17
C GLY A 103 -7.07 -13.33 -22.44
N GLY A 104 -6.85 -12.61 -21.37
CA GLY A 104 -6.43 -11.23 -21.47
C GLY A 104 -5.15 -11.16 -22.23
N ILE A 105 -4.13 -12.00 -22.00
CA ILE A 105 -2.88 -11.72 -22.73
C ILE A 105 -2.95 -12.20 -24.19
N ALA A 106 -3.86 -13.13 -24.48
CA ALA A 106 -4.15 -13.48 -25.84
C ALA A 106 -4.65 -12.22 -26.51
N THR A 107 -5.73 -11.53 -26.05
CA THR A 107 -6.22 -10.31 -26.70
C THR A 107 -5.15 -9.26 -26.73
N LEU A 108 -4.27 -9.22 -25.74
CA LEU A 108 -3.21 -8.23 -25.74
C LEU A 108 -2.34 -8.48 -26.93
N PHE A 109 -2.04 -9.76 -27.15
CA PHE A 109 -1.21 -10.24 -28.24
C PHE A 109 -1.79 -9.85 -29.56
N LYS A 110 -3.09 -10.07 -29.74
CA LYS A 110 -3.70 -9.81 -31.02
C LYS A 110 -3.78 -8.34 -31.25
N ALA A 111 -4.05 -7.60 -30.18
CA ALA A 111 -4.13 -6.17 -30.23
C ALA A 111 -2.79 -5.60 -30.65
N ASN A 112 -1.70 -6.22 -30.29
CA ASN A 112 -0.40 -5.70 -30.65
C ASN A 112 0.21 -6.27 -31.92
N GLY A 113 -0.50 -7.23 -32.53
CA GLY A 113 -0.05 -7.94 -33.73
C GLY A 113 1.07 -8.99 -33.54
N VAL A 114 0.78 -9.88 -32.61
CA VAL A 114 1.72 -10.90 -32.29
C VAL A 114 1.06 -12.14 -32.85
N THR A 115 2.00 -12.76 -33.56
CA THR A 115 1.68 -13.95 -34.25
C THR A 115 1.93 -15.01 -33.22
N SER A 116 0.86 -15.63 -32.71
CA SER A 116 1.11 -16.72 -31.82
C SER A 116 1.22 -18.07 -32.58
N PHE A 117 2.09 -18.99 -32.15
CA PHE A 117 2.27 -20.31 -32.73
C PHE A 117 2.07 -21.32 -31.61
N GLU A 118 1.20 -22.33 -31.74
CA GLU A 118 1.07 -23.32 -30.66
C GLU A 118 1.95 -24.54 -30.90
N GLY A 119 2.94 -24.83 -30.10
CA GLY A 119 3.69 -26.03 -30.30
C GLY A 119 4.98 -25.91 -29.58
N HIS A 120 5.83 -26.92 -29.66
CA HIS A 120 7.09 -26.88 -28.99
C HIS A 120 8.00 -26.20 -29.95
N GLY A 121 8.90 -25.33 -29.54
CA GLY A 121 9.76 -24.62 -30.45
C GLY A 121 11.15 -25.01 -30.02
N LYS A 122 12.09 -25.07 -30.97
CA LYS A 122 13.44 -25.49 -30.70
C LYS A 122 14.29 -24.72 -31.61
N LEU A 123 15.40 -24.29 -31.08
CA LEU A 123 16.32 -23.46 -31.78
C LEU A 123 17.34 -24.35 -32.45
N LEU A 124 17.32 -24.24 -33.76
CA LEU A 124 18.28 -24.94 -34.57
C LEU A 124 19.43 -23.99 -34.81
N ALA A 125 20.40 -24.44 -35.58
CA ALA A 125 21.46 -23.55 -35.99
C ALA A 125 20.92 -22.45 -36.90
N ASN A 126 21.71 -21.37 -37.02
CA ASN A 126 21.42 -20.24 -37.89
C ASN A 126 20.10 -19.53 -37.62
N LYS A 127 19.67 -19.65 -36.36
CA LYS A 127 18.44 -19.04 -35.87
C LYS A 127 17.15 -19.42 -36.61
N GLN A 128 16.93 -20.72 -36.77
CA GLN A 128 15.70 -21.16 -37.38
C GLN A 128 15.05 -21.79 -36.20
N VAL A 129 13.77 -21.69 -36.12
CA VAL A 129 13.14 -22.27 -34.97
C VAL A 129 12.17 -23.28 -35.54
N GLU A 130 12.21 -24.48 -34.99
CA GLU A 130 11.40 -25.53 -35.49
C GLU A 130 10.23 -25.63 -34.59
N VAL A 131 9.13 -25.24 -35.13
CA VAL A 131 7.94 -25.30 -34.34
C VAL A 131 7.34 -26.63 -34.57
N THR A 132 7.46 -27.57 -33.66
CA THR A 132 6.78 -28.84 -33.83
C THR A 132 5.42 -28.48 -33.34
N GLY A 133 4.52 -28.33 -34.27
CA GLY A 133 3.16 -28.01 -33.93
C GLY A 133 2.50 -29.01 -32.99
N LEU A 134 1.25 -28.77 -32.68
CA LEU A 134 0.56 -29.64 -31.75
C LEU A 134 0.12 -30.98 -32.32
N ASP A 135 -0.29 -30.92 -33.57
CA ASP A 135 -0.75 -32.09 -34.31
C ASP A 135 0.40 -32.73 -35.08
N GLY A 136 1.58 -32.91 -34.51
CA GLY A 136 2.68 -33.44 -35.25
C GLY A 136 3.17 -32.55 -36.36
N LYS A 137 2.39 -31.70 -37.05
CA LYS A 137 2.95 -30.88 -38.13
C LYS A 137 4.13 -29.99 -37.75
N THR A 138 5.31 -30.24 -38.29
CA THR A 138 6.50 -29.51 -37.96
C THR A 138 6.68 -28.40 -38.98
N GLN A 139 7.36 -27.31 -38.62
CA GLN A 139 7.52 -26.11 -39.42
C GLN A 139 8.84 -25.46 -39.04
N VAL A 140 9.44 -24.63 -39.89
CA VAL A 140 10.68 -23.98 -39.58
C VAL A 140 10.49 -22.49 -39.84
N LEU A 141 10.63 -21.64 -38.81
CA LEU A 141 10.53 -20.22 -38.94
C LEU A 141 11.98 -19.82 -38.97
N GLU A 142 12.16 -18.76 -39.68
CA GLU A 142 13.47 -18.19 -39.90
C GLU A 142 13.28 -16.93 -39.11
N ALA A 143 14.27 -16.62 -38.27
CA ALA A 143 14.17 -15.48 -37.39
C ALA A 143 15.42 -14.67 -37.45
N GLU A 144 15.23 -13.37 -37.44
CA GLU A 144 16.36 -12.47 -37.35
C GLU A 144 16.87 -12.53 -35.92
N ASN A 145 16.00 -12.60 -34.91
CA ASN A 145 16.44 -12.61 -33.53
C ASN A 145 15.61 -13.64 -32.82
N VAL A 146 16.17 -14.36 -31.83
CA VAL A 146 15.45 -15.39 -31.12
C VAL A 146 15.59 -15.00 -29.67
N ILE A 147 14.46 -15.10 -28.97
CA ILE A 147 14.40 -14.84 -27.58
C ILE A 147 13.85 -16.10 -26.96
N ILE A 148 14.67 -16.72 -26.15
CA ILE A 148 14.39 -17.95 -25.47
C ILE A 148 13.80 -17.63 -24.11
N ALA A 149 12.61 -18.08 -23.74
CA ALA A 149 12.07 -17.84 -22.43
C ALA A 149 11.38 -19.10 -21.93
N SER A 150 12.16 -20.19 -21.91
CA SER A 150 11.60 -21.47 -21.53
C SER A 150 11.32 -21.63 -20.10
N GLY A 151 11.96 -20.92 -19.19
CA GLY A 151 11.38 -21.00 -17.86
C GLY A 151 12.06 -22.00 -16.98
N SER A 152 11.29 -22.45 -15.97
CA SER A 152 11.81 -23.31 -14.93
C SER A 152 10.75 -24.34 -14.52
N ARG A 153 11.11 -25.39 -13.79
CA ARG A 153 10.20 -26.45 -13.36
C ARG A 153 10.62 -26.91 -11.95
N PRO A 154 9.75 -27.43 -11.08
CA PRO A 154 10.10 -27.97 -9.78
C PRO A 154 11.22 -28.99 -9.73
N VAL A 155 12.02 -28.86 -8.71
CA VAL A 155 13.06 -29.80 -8.45
C VAL A 155 12.28 -30.94 -7.89
N GLU A 156 12.74 -32.07 -8.38
CA GLU A 156 12.15 -33.30 -7.94
C GLU A 156 13.12 -33.82 -6.90
N ILE A 157 12.74 -34.42 -5.77
CA ILE A 157 13.79 -34.99 -4.94
C ILE A 157 13.52 -36.46 -4.72
N PRO A 158 14.54 -37.35 -4.78
CA PRO A 158 14.43 -38.77 -4.56
C PRO A 158 13.70 -39.19 -3.30
N PRO A 159 13.94 -38.78 -2.07
CA PRO A 159 13.21 -39.27 -0.93
C PRO A 159 11.76 -38.93 -1.00
N ALA A 160 11.31 -37.99 -1.79
CA ALA A 160 9.91 -37.67 -1.83
C ALA A 160 9.57 -37.52 -3.32
N PRO A 161 9.22 -38.61 -4.03
CA PRO A 161 8.87 -38.60 -5.45
C PRO A 161 7.40 -38.23 -5.60
N LEU A 162 6.92 -37.52 -6.63
CA LEU A 162 5.53 -37.12 -6.60
C LEU A 162 4.68 -38.35 -6.89
N SER A 163 4.11 -38.79 -5.83
CA SER A 163 3.29 -39.93 -5.93
C SER A 163 1.89 -39.40 -5.90
N ASP A 164 1.20 -39.53 -7.03
CA ASP A 164 -0.24 -39.24 -7.09
C ASP A 164 -0.58 -37.86 -6.53
N ASP A 165 -1.76 -37.72 -5.92
CA ASP A 165 -2.09 -36.52 -5.22
C ASP A 165 -1.65 -36.69 -3.76
N ILE A 166 -0.74 -37.57 -3.39
CA ILE A 166 -0.31 -37.58 -2.03
C ILE A 166 0.96 -36.72 -1.98
N ILE A 167 1.97 -36.94 -2.84
CA ILE A 167 3.14 -36.15 -2.78
C ILE A 167 2.96 -35.40 -4.02
N VAL A 168 2.77 -34.13 -3.81
CA VAL A 168 2.39 -33.22 -4.83
C VAL A 168 3.38 -32.08 -4.93
N ASP A 169 3.36 -31.23 -5.96
CA ASP A 169 4.24 -30.06 -6.11
C ASP A 169 3.44 -28.71 -6.04
N SER A 170 4.04 -27.52 -6.28
CA SER A 170 3.44 -26.20 -6.27
C SER A 170 2.03 -26.26 -6.79
N THR A 171 2.00 -26.77 -8.01
CA THR A 171 0.77 -26.90 -8.76
C THR A 171 -0.34 -27.70 -8.08
N GLY A 172 0.01 -28.88 -7.57
CA GLY A 172 -0.96 -29.73 -6.95
C GLY A 172 -1.41 -29.07 -5.68
N ALA A 173 -0.50 -28.42 -4.98
CA ALA A 173 -0.85 -27.75 -3.76
C ALA A 173 -1.88 -26.70 -4.04
N LEU A 174 -1.83 -26.15 -5.25
CA LEU A 174 -2.78 -25.13 -5.61
C LEU A 174 -4.07 -25.73 -6.02
N GLU A 175 -4.23 -27.00 -5.85
CA GLU A 175 -5.38 -27.57 -6.48
C GLU A 175 -6.25 -28.34 -5.52
N PHE A 176 -5.90 -28.50 -4.25
CA PHE A 176 -6.68 -29.30 -3.33
C PHE A 176 -8.13 -28.91 -3.28
N GLN A 177 -9.00 -29.90 -3.43
CA GLN A 177 -10.39 -29.60 -3.36
C GLN A 177 -10.80 -29.80 -1.91
N ALA A 178 -9.85 -29.87 -0.95
CA ALA A 178 -10.16 -30.02 0.47
C ALA A 178 -8.97 -29.84 1.38
N VAL A 179 -9.23 -29.55 2.65
CA VAL A 179 -8.10 -29.21 3.49
C VAL A 179 -7.42 -30.46 4.00
N PRO A 180 -6.15 -30.68 3.70
CA PRO A 180 -5.39 -31.77 4.27
C PRO A 180 -5.47 -31.60 5.76
N LYS A 181 -5.86 -32.63 6.50
CA LYS A 181 -5.87 -32.56 7.95
C LYS A 181 -4.47 -32.31 8.47
N LYS A 182 -3.45 -32.88 7.89
CA LYS A 182 -2.12 -32.66 8.40
C LYS A 182 -1.32 -32.46 7.13
N LEU A 183 -0.31 -31.61 7.05
CA LEU A 183 0.27 -31.30 5.77
C LEU A 183 1.70 -31.02 6.05
N GLY A 184 2.59 -31.40 5.16
CA GLY A 184 4.01 -31.23 5.34
C GLY A 184 4.50 -30.52 4.12
N VAL A 185 5.58 -29.74 4.22
CA VAL A 185 6.09 -28.98 3.09
C VAL A 185 7.56 -29.19 3.17
N ILE A 186 8.26 -29.40 2.10
CA ILE A 186 9.66 -29.63 2.24
C ILE A 186 10.16 -28.43 1.53
N GLY A 187 10.73 -27.56 2.36
CA GLY A 187 11.35 -26.32 1.92
C GLY A 187 10.63 -25.17 2.54
N ALA A 188 11.37 -24.37 3.32
CA ALA A 188 10.82 -23.21 4.07
C ALA A 188 11.29 -21.89 3.43
N GLY A 189 10.93 -21.90 2.14
CA GLY A 189 11.22 -20.86 1.18
C GLY A 189 9.90 -20.20 0.85
N VAL A 190 9.94 -19.23 -0.05
CA VAL A 190 8.75 -18.45 -0.41
C VAL A 190 7.52 -19.29 -0.72
N ILE A 191 7.68 -20.32 -1.59
CA ILE A 191 6.53 -21.12 -2.01
C ILE A 191 6.08 -22.03 -0.87
N GLY A 192 7.00 -22.42 -0.02
CA GLY A 192 6.66 -23.29 1.07
C GLY A 192 5.83 -22.53 2.04
N LEU A 193 6.36 -21.35 2.42
CA LEU A 193 5.77 -20.45 3.40
C LEU A 193 4.39 -20.06 2.89
N GLU A 194 4.29 -19.73 1.60
CA GLU A 194 2.98 -19.33 1.13
C GLU A 194 2.01 -20.49 1.03
N LEU A 195 2.41 -21.66 0.50
CA LEU A 195 1.44 -22.75 0.40
C LEU A 195 1.06 -23.27 1.79
N GLY A 196 2.06 -23.20 2.66
CA GLY A 196 1.91 -23.48 4.05
C GLY A 196 0.76 -22.62 4.60
N SER A 197 0.92 -21.29 4.48
CA SER A 197 -0.02 -20.36 5.02
C SER A 197 -1.39 -20.63 4.55
N VAL A 198 -1.57 -20.93 3.27
CA VAL A 198 -2.95 -21.13 2.83
C VAL A 198 -3.73 -22.21 3.56
N TRP A 199 -3.05 -23.35 3.65
CA TRP A 199 -3.75 -24.49 4.14
C TRP A 199 -3.82 -24.35 5.64
N ALA A 200 -2.78 -23.79 6.29
CA ALA A 200 -2.82 -23.64 7.72
C ALA A 200 -3.96 -22.72 8.17
N ARG A 201 -4.19 -21.63 7.45
CA ARG A 201 -5.24 -20.69 7.74
C ARG A 201 -6.61 -21.38 7.76
N LEU A 202 -6.81 -22.39 6.92
CA LEU A 202 -8.10 -23.06 6.82
C LEU A 202 -8.12 -24.28 7.73
N GLY A 203 -7.17 -24.56 8.61
CA GLY A 203 -7.30 -25.64 9.57
C GLY A 203 -6.25 -26.70 9.40
N ALA A 204 -5.42 -26.70 8.36
CA ALA A 204 -4.44 -27.76 8.17
C ALA A 204 -3.39 -27.78 9.24
N GLU A 205 -2.96 -28.89 9.79
CA GLU A 205 -1.84 -28.86 10.71
C GLU A 205 -0.54 -28.87 9.94
N VAL A 206 0.18 -27.77 9.75
CA VAL A 206 1.32 -27.74 8.86
C VAL A 206 2.65 -27.95 9.48
N THR A 207 3.57 -28.72 8.91
CA THR A 207 4.93 -28.86 9.43
C THR A 207 5.72 -28.50 8.23
N VAL A 208 6.80 -27.75 8.31
CA VAL A 208 7.51 -27.34 7.14
C VAL A 208 8.84 -27.89 7.46
N LEU A 209 9.43 -28.78 6.69
CA LEU A 209 10.75 -29.34 7.01
C LEU A 209 11.70 -28.59 6.12
N GLU A 210 12.83 -28.10 6.62
CA GLU A 210 13.75 -27.34 5.83
C GLU A 210 15.10 -27.73 6.31
N ALA A 211 15.90 -28.09 5.32
CA ALA A 211 17.25 -28.58 5.51
C ALA A 211 18.28 -27.66 6.08
N LEU A 212 18.10 -26.34 5.96
CA LEU A 212 19.09 -25.40 6.46
C LEU A 212 18.78 -24.88 7.82
N ASP A 213 19.88 -24.47 8.41
CA ASP A 213 19.81 -23.96 9.76
C ASP A 213 19.36 -22.52 9.82
N LYS A 214 19.29 -21.84 8.67
CA LYS A 214 18.97 -20.45 8.67
C LYS A 214 17.65 -20.31 7.94
N PHE A 215 16.67 -19.71 8.63
CA PHE A 215 15.36 -19.37 8.06
C PHE A 215 15.60 -18.21 7.12
N LEU A 216 14.92 -18.17 5.97
CA LEU A 216 15.01 -17.08 5.00
C LEU A 216 16.35 -16.39 4.81
N PRO A 217 17.44 -17.07 4.56
CA PRO A 217 18.77 -16.50 4.47
C PRO A 217 19.00 -15.35 3.50
N ALA A 218 18.03 -14.97 2.67
CA ALA A 218 18.28 -13.82 1.82
C ALA A 218 17.61 -12.57 2.41
N ALA A 219 16.63 -12.75 3.30
CA ALA A 219 15.96 -11.64 3.92
C ALA A 219 16.91 -11.19 5.00
N ASP A 220 16.69 -9.95 5.50
CA ASP A 220 17.54 -9.40 6.55
C ASP A 220 17.26 -10.14 7.83
N GLU A 221 18.37 -10.44 8.50
CA GLU A 221 18.36 -11.16 9.76
C GLU A 221 17.28 -10.75 10.70
N GLN A 222 17.07 -9.44 10.84
CA GLN A 222 16.07 -8.95 11.73
C GLN A 222 14.65 -9.27 11.30
N ILE A 223 14.47 -9.21 9.98
CA ILE A 223 13.17 -9.49 9.40
C ILE A 223 12.97 -11.00 9.53
N ALA A 224 14.01 -11.80 9.23
CA ALA A 224 13.96 -13.23 9.38
C ALA A 224 13.53 -13.67 10.77
N LYS A 225 14.24 -13.19 11.75
CA LYS A 225 13.97 -13.48 13.14
C LYS A 225 12.53 -13.15 13.47
N GLU A 226 12.09 -12.02 12.95
CA GLU A 226 10.77 -11.56 13.24
C GLU A 226 9.77 -12.42 12.53
N ALA A 227 10.09 -12.80 11.28
CA ALA A 227 9.19 -13.53 10.37
C ALA A 227 8.84 -14.90 10.93
N LEU A 228 9.94 -15.55 11.34
CA LEU A 228 9.85 -16.86 11.87
C LEU A 228 9.00 -16.85 13.11
N LYS A 229 9.22 -15.94 14.04
CA LYS A 229 8.47 -15.80 15.28
C LYS A 229 7.00 -15.63 15.00
N VAL A 230 6.72 -14.81 14.05
CA VAL A 230 5.35 -14.58 13.67
C VAL A 230 4.69 -15.82 13.07
N LEU A 231 5.41 -16.50 12.15
CA LEU A 231 4.81 -17.58 11.36
C LEU A 231 4.58 -18.83 12.15
N THR A 232 5.49 -19.08 13.09
CA THR A 232 5.31 -20.19 13.97
C THR A 232 4.12 -19.89 14.84
N LYS A 233 4.03 -18.67 15.35
CA LYS A 233 2.89 -18.30 16.15
C LYS A 233 1.62 -18.34 15.31
N GLN A 234 1.71 -18.20 13.98
CA GLN A 234 0.56 -18.27 13.08
C GLN A 234 0.08 -19.71 12.84
N GLY A 235 0.89 -20.68 13.22
CA GLY A 235 0.53 -22.08 13.11
C GLY A 235 1.52 -22.96 12.33
N LEU A 236 2.61 -22.49 11.70
CA LEU A 236 3.45 -23.35 10.87
C LEU A 236 4.59 -23.85 11.70
N ASN A 237 4.66 -25.15 11.83
CA ASN A 237 5.66 -25.79 12.63
C ASN A 237 6.87 -25.89 11.75
N ILE A 238 7.78 -24.94 11.80
CA ILE A 238 8.92 -24.91 10.92
C ILE A 238 10.04 -25.60 11.56
N ARG A 239 10.67 -26.58 10.96
CA ARG A 239 11.75 -27.26 11.60
C ARG A 239 12.97 -27.05 10.74
N LEU A 240 13.91 -26.33 11.30
CA LEU A 240 15.14 -26.11 10.56
C LEU A 240 16.14 -27.23 10.64
N GLY A 241 17.04 -27.26 9.65
CA GLY A 241 18.07 -28.28 9.52
C GLY A 241 17.54 -29.71 9.54
N ALA A 242 16.32 -30.02 9.10
CA ALA A 242 15.80 -31.37 9.12
C ALA A 242 15.91 -31.88 7.71
N ARG A 243 16.69 -32.93 7.53
CA ARG A 243 16.98 -33.49 6.23
C ARG A 243 16.05 -34.68 5.98
N VAL A 244 15.27 -34.72 4.88
CA VAL A 244 14.38 -35.84 4.58
C VAL A 244 15.19 -37.00 3.97
N THR A 245 15.05 -38.20 4.56
CA THR A 245 15.65 -39.46 4.13
C THR A 245 14.66 -40.36 3.36
N ALA A 246 13.37 -40.48 3.76
CA ALA A 246 12.45 -41.36 3.10
C ALA A 246 10.95 -41.01 3.15
N SER A 247 10.18 -41.38 2.15
CA SER A 247 8.76 -41.25 2.16
C SER A 247 8.24 -42.66 2.09
N GLU A 248 7.00 -42.85 2.43
CA GLU A 248 6.42 -44.14 2.32
C GLU A 248 4.97 -43.77 2.24
N VAL A 249 4.36 -43.95 1.09
CA VAL A 249 2.97 -43.62 0.94
C VAL A 249 2.25 -44.87 1.39
N LYS A 250 1.18 -44.81 2.17
CA LYS A 250 0.46 -45.96 2.65
C LYS A 250 -0.83 -45.44 3.22
N LYS A 251 -1.88 -46.15 2.89
CA LYS A 251 -3.24 -45.83 3.24
C LYS A 251 -3.67 -44.39 3.13
N LYS A 252 -3.27 -43.84 1.98
CA LYS A 252 -3.57 -42.47 1.61
C LYS A 252 -2.86 -41.50 2.54
N GLN A 253 -1.68 -41.84 3.03
CA GLN A 253 -0.87 -41.00 3.88
C GLN A 253 0.56 -41.19 3.50
N VAL A 254 1.51 -40.38 3.89
CA VAL A 254 2.90 -40.60 3.57
C VAL A 254 3.64 -40.27 4.83
N THR A 255 4.73 -41.00 5.06
CA THR A 255 5.49 -40.86 6.26
C THR A 255 6.87 -40.51 5.83
N VAL A 256 7.25 -39.34 6.33
CA VAL A 256 8.52 -38.80 5.98
C VAL A 256 9.40 -39.18 7.12
N THR A 257 10.58 -39.60 6.76
CA THR A 257 11.58 -39.98 7.72
C THR A 257 12.62 -38.87 7.58
N PHE A 258 13.13 -38.25 8.66
CA PHE A 258 14.10 -37.17 8.59
C PHE A 258 15.00 -37.08 9.78
N THR A 259 16.16 -36.55 9.51
CA THR A 259 17.16 -36.38 10.51
C THR A 259 17.28 -34.90 10.76
N ASP A 260 16.96 -34.42 11.94
CA ASP A 260 17.36 -33.07 12.23
C ASP A 260 18.52 -33.18 13.22
N ALA A 261 18.58 -32.44 14.31
CA ALA A 261 19.70 -32.56 15.22
C ALA A 261 19.57 -33.74 16.17
N ASN A 262 18.39 -33.95 16.74
CA ASN A 262 18.18 -35.15 17.55
C ASN A 262 17.66 -36.22 16.58
N GLY A 263 18.56 -36.58 15.67
CA GLY A 263 18.39 -37.63 14.69
C GLY A 263 17.06 -37.72 13.97
N GLU A 264 16.80 -39.01 13.79
CA GLU A 264 15.67 -39.47 13.03
C GLU A 264 14.40 -39.32 13.80
N GLN A 265 13.49 -38.81 13.03
CA GLN A 265 12.12 -38.64 13.41
C GLN A 265 11.40 -39.06 12.15
N LYS A 266 10.13 -39.35 12.31
CA LYS A 266 9.32 -39.73 11.21
C LYS A 266 8.05 -38.96 11.47
N GLU A 267 7.33 -38.40 10.51
CA GLU A 267 6.09 -37.73 10.81
C GLU A 267 5.16 -38.15 9.69
N THR A 268 3.86 -38.31 9.92
CA THR A 268 2.96 -38.82 8.88
C THR A 268 1.98 -37.80 8.24
N PHE A 269 2.08 -37.28 7.05
CA PHE A 269 1.15 -36.26 6.63
C PHE A 269 0.10 -36.92 5.77
N ASP A 270 -1.02 -36.27 5.58
CA ASP A 270 -2.01 -36.71 4.63
C ASP A 270 -1.62 -36.19 3.28
N LYS A 271 -0.72 -35.20 3.13
CA LYS A 271 -0.35 -34.54 1.87
C LYS A 271 1.02 -33.98 2.11
N LEU A 272 1.89 -33.99 1.14
CA LEU A 272 3.24 -33.56 1.33
C LEU A 272 3.55 -32.82 0.05
N ILE A 273 4.07 -31.60 0.25
CA ILE A 273 4.37 -30.69 -0.83
C ILE A 273 5.87 -30.63 -0.85
N VAL A 274 6.39 -30.81 -2.03
CA VAL A 274 7.81 -30.71 -2.20
C VAL A 274 8.04 -29.36 -2.85
N ALA A 275 8.59 -28.46 -2.07
CA ALA A 275 8.79 -27.10 -2.51
C ALA A 275 10.25 -26.80 -2.29
N VAL A 276 11.11 -27.76 -2.65
CA VAL A 276 12.56 -27.62 -2.48
C VAL A 276 13.25 -26.62 -3.39
N GLY A 277 12.77 -26.42 -4.62
CA GLY A 277 13.45 -25.50 -5.55
C GLY A 277 12.75 -25.48 -6.88
N ARG A 278 13.41 -25.00 -7.91
CA ARG A 278 12.97 -24.95 -9.28
C ARG A 278 14.22 -25.01 -10.14
N ARG A 279 14.18 -25.48 -11.38
CA ARG A 279 15.40 -25.67 -12.18
C ARG A 279 15.07 -25.22 -13.58
N PRO A 280 15.99 -24.67 -14.35
CA PRO A 280 15.72 -24.15 -15.66
C PRO A 280 15.25 -25.25 -16.57
N VAL A 281 14.32 -24.99 -17.48
CA VAL A 281 14.07 -26.02 -18.45
C VAL A 281 14.71 -25.69 -19.78
N THR A 282 15.61 -26.60 -20.13
CA THR A 282 16.29 -26.55 -21.41
C THR A 282 16.06 -27.77 -22.32
N THR A 283 15.10 -28.65 -21.90
CA THR A 283 14.65 -29.89 -22.53
C THR A 283 14.77 -30.06 -24.04
N ASP A 284 13.95 -29.72 -25.02
CA ASP A 284 14.36 -30.08 -26.36
C ASP A 284 14.43 -28.74 -26.98
N LEU A 285 15.25 -27.90 -26.37
CA LEU A 285 15.15 -26.52 -26.76
C LEU A 285 16.22 -26.19 -27.73
N LEU A 286 17.36 -26.78 -27.55
CA LEU A 286 18.44 -26.34 -28.35
C LEU A 286 18.86 -27.51 -29.15
N ALA A 287 18.95 -27.32 -30.45
CA ALA A 287 19.53 -28.30 -31.34
C ALA A 287 20.99 -28.43 -30.96
N ALA A 288 21.57 -29.61 -31.18
CA ALA A 288 22.97 -29.88 -30.88
C ALA A 288 24.04 -28.89 -31.34
N ASP A 289 23.72 -28.06 -32.30
CA ASP A 289 24.67 -27.17 -32.92
C ASP A 289 24.07 -25.76 -33.02
N SER A 290 23.18 -25.36 -32.10
CA SER A 290 22.47 -24.05 -32.16
C SER A 290 23.44 -22.89 -31.99
N GLY A 291 24.42 -23.27 -31.13
CA GLY A 291 25.53 -22.47 -30.70
C GLY A 291 25.34 -22.08 -29.24
N VAL A 292 24.14 -22.24 -28.64
CA VAL A 292 23.84 -21.75 -27.31
C VAL A 292 24.48 -22.62 -26.25
N THR A 293 25.02 -22.00 -25.20
CA THR A 293 25.78 -22.67 -24.16
C THR A 293 24.98 -22.79 -22.91
N LEU A 294 25.32 -23.75 -22.07
CA LEU A 294 24.71 -23.79 -20.76
C LEU A 294 25.84 -23.76 -19.76
N ASP A 295 25.53 -23.24 -18.60
CA ASP A 295 26.49 -23.22 -17.53
C ASP A 295 26.38 -24.59 -16.90
N GLU A 296 27.08 -24.72 -15.78
CA GLU A 296 27.15 -25.97 -15.06
C GLU A 296 25.80 -26.32 -14.47
N ARG A 297 24.91 -25.37 -14.16
CA ARG A 297 23.70 -25.75 -13.46
C ARG A 297 22.50 -25.89 -14.37
N GLY A 298 22.69 -25.67 -15.67
CA GLY A 298 21.59 -25.87 -16.58
C GLY A 298 20.99 -24.59 -17.11
N PHE A 299 21.44 -23.48 -16.57
CA PHE A 299 20.98 -22.20 -17.05
C PHE A 299 21.70 -21.98 -18.33
N ILE A 300 20.97 -21.34 -19.23
CA ILE A 300 21.58 -20.86 -20.43
C ILE A 300 22.54 -19.77 -19.99
N TYR A 301 23.68 -19.77 -20.66
CA TYR A 301 24.67 -18.79 -20.39
C TYR A 301 24.34 -17.50 -21.14
N VAL A 302 24.21 -16.40 -20.35
CA VAL A 302 24.01 -15.01 -20.79
C VAL A 302 24.90 -14.06 -20.01
N ASP A 303 25.20 -12.94 -20.67
CA ASP A 303 25.91 -11.79 -20.17
C ASP A 303 24.88 -10.88 -19.46
N ASP A 304 25.19 -9.60 -19.27
CA ASP A 304 24.30 -8.65 -18.59
C ASP A 304 23.15 -8.18 -19.40
N HIS A 305 23.27 -8.29 -20.73
CA HIS A 305 22.16 -7.87 -21.55
C HIS A 305 21.26 -9.00 -22.04
N CYS A 306 21.46 -10.19 -21.45
CA CYS A 306 20.82 -11.40 -21.84
C CYS A 306 21.16 -11.87 -23.25
N LYS A 307 22.24 -11.42 -23.86
CA LYS A 307 22.78 -11.92 -25.11
C LYS A 307 23.40 -13.26 -24.78
N THR A 308 23.22 -14.26 -25.67
CA THR A 308 23.86 -15.56 -25.49
C THR A 308 25.14 -15.47 -26.30
N SER A 309 25.75 -16.62 -26.28
CA SER A 309 26.93 -16.90 -27.00
C SER A 309 26.68 -16.73 -28.48
N VAL A 310 25.47 -16.75 -29.02
CA VAL A 310 25.35 -16.53 -30.44
C VAL A 310 24.60 -15.22 -30.55
N PRO A 311 25.11 -14.37 -31.44
CA PRO A 311 24.51 -13.09 -31.72
C PRO A 311 23.13 -13.23 -32.31
N GLY A 312 22.19 -12.49 -31.76
CA GLY A 312 20.84 -12.46 -32.25
C GLY A 312 20.01 -13.34 -31.36
N VAL A 313 20.65 -14.04 -30.45
CA VAL A 313 19.91 -14.91 -29.59
C VAL A 313 20.13 -14.50 -28.14
N PHE A 314 18.99 -14.35 -27.45
CA PHE A 314 18.91 -13.84 -26.09
C PHE A 314 18.16 -14.74 -25.18
N ALA A 315 18.51 -14.82 -23.92
CA ALA A 315 17.79 -15.72 -23.08
C ALA A 315 17.22 -15.00 -21.87
N ILE A 316 16.01 -15.12 -21.32
CA ILE A 316 15.53 -14.33 -20.19
C ILE A 316 14.69 -15.10 -19.18
N GLY A 317 14.63 -14.58 -17.96
CA GLY A 317 13.75 -15.17 -16.98
C GLY A 317 14.41 -16.29 -16.25
N ASP A 318 13.68 -17.34 -15.89
CA ASP A 318 14.21 -18.37 -15.03
C ASP A 318 15.19 -19.33 -15.68
N VAL A 319 15.37 -19.39 -17.01
CA VAL A 319 16.44 -20.19 -17.58
C VAL A 319 17.79 -19.51 -17.50
N VAL A 320 17.88 -18.20 -17.22
CA VAL A 320 19.20 -17.55 -17.06
C VAL A 320 19.41 -17.10 -15.60
N ARG A 321 20.65 -16.74 -15.27
CA ARG A 321 21.00 -16.22 -13.94
C ARG A 321 20.12 -15.07 -13.47
N GLY A 322 19.82 -15.12 -12.18
CA GLY A 322 19.15 -13.97 -11.57
C GLY A 322 18.13 -14.46 -10.61
N ALA A 323 17.32 -13.59 -10.06
CA ALA A 323 16.39 -14.10 -9.11
C ALA A 323 15.21 -14.60 -9.91
N MET A 324 14.74 -15.74 -9.50
CA MET A 324 13.69 -16.37 -10.19
C MET A 324 12.40 -15.72 -9.80
N LEU A 325 12.13 -14.52 -10.34
CA LEU A 325 10.91 -13.75 -10.03
C LEU A 325 10.30 -13.16 -11.25
N ALA A 326 8.98 -13.09 -11.27
CA ALA A 326 8.21 -12.60 -12.39
C ALA A 326 8.67 -11.30 -12.96
N HIS A 327 8.84 -10.27 -12.14
CA HIS A 327 9.20 -8.95 -12.62
C HIS A 327 10.65 -8.91 -13.08
N LYS A 328 11.53 -9.82 -12.70
CA LYS A 328 12.88 -9.87 -13.30
C LYS A 328 12.85 -10.35 -14.75
N ALA A 329 12.00 -11.35 -15.00
CA ALA A 329 11.76 -11.95 -16.28
C ALA A 329 11.15 -10.89 -17.14
N SER A 330 10.04 -10.23 -16.80
CA SER A 330 9.48 -9.21 -17.69
C SER A 330 10.42 -8.07 -17.92
N GLU A 331 11.24 -7.67 -16.94
CA GLU A 331 12.07 -6.54 -17.25
C GLU A 331 13.14 -6.97 -18.11
N GLU A 332 13.69 -8.15 -17.97
CA GLU A 332 14.66 -8.62 -18.96
C GLU A 332 14.03 -8.67 -20.36
N GLY A 333 12.77 -9.10 -20.41
CA GLY A 333 11.98 -9.14 -21.61
C GLY A 333 12.04 -7.85 -22.36
N VAL A 334 11.75 -6.81 -21.59
CA VAL A 334 11.74 -5.44 -22.09
C VAL A 334 13.16 -5.00 -22.42
N MET A 335 14.15 -5.32 -21.64
CA MET A 335 15.48 -4.89 -21.93
C MET A 335 15.85 -5.42 -23.27
N VAL A 336 15.55 -6.71 -23.45
CA VAL A 336 15.91 -7.39 -24.69
C VAL A 336 15.12 -6.95 -25.91
N ALA A 337 13.82 -6.71 -25.81
CA ALA A 337 13.09 -6.19 -26.94
C ALA A 337 13.58 -4.78 -27.33
N GLU A 338 13.87 -3.99 -26.32
CA GLU A 338 14.31 -2.63 -26.48
C GLU A 338 15.62 -2.61 -27.21
N ARG A 339 16.56 -3.40 -26.75
CA ARG A 339 17.84 -3.48 -27.42
C ARG A 339 17.81 -3.93 -28.87
N ILE A 340 17.00 -4.96 -29.18
CA ILE A 340 16.82 -5.46 -30.52
C ILE A 340 16.35 -4.30 -31.35
N ALA A 341 15.39 -3.49 -30.89
CA ALA A 341 14.96 -2.34 -31.68
C ALA A 341 15.96 -1.17 -31.72
N GLY A 342 17.08 -1.22 -31.03
CA GLY A 342 18.07 -0.15 -31.13
C GLY A 342 18.19 0.79 -29.93
N HIS A 343 17.65 0.56 -28.73
CA HIS A 343 17.80 1.53 -27.64
C HIS A 343 18.71 0.88 -26.66
N LYS A 344 19.66 1.51 -25.98
CA LYS A 344 20.55 0.77 -25.08
C LYS A 344 20.01 0.68 -23.67
N ALA A 345 18.92 -0.07 -23.51
CA ALA A 345 18.27 -0.25 -22.22
C ALA A 345 19.19 -1.09 -21.38
N GLN A 346 19.24 -0.69 -20.13
CA GLN A 346 20.05 -1.35 -19.14
C GLN A 346 19.01 -1.67 -18.07
N MET A 347 19.35 -2.74 -17.37
CA MET A 347 18.45 -3.35 -16.41
C MET A 347 19.24 -3.27 -15.12
N ASN A 348 18.59 -2.73 -14.09
CA ASN A 348 19.25 -2.55 -12.79
C ASN A 348 19.07 -3.74 -11.88
N TYR A 349 20.03 -4.63 -11.82
CA TYR A 349 19.74 -5.80 -11.06
C TYR A 349 19.77 -5.57 -9.57
N ASP A 350 20.26 -4.44 -9.11
CA ASP A 350 20.44 -4.26 -7.68
C ASP A 350 19.15 -3.87 -7.00
N LEU A 351 18.22 -3.41 -7.79
CA LEU A 351 17.01 -3.00 -7.19
C LEU A 351 15.89 -3.94 -7.46
N ILE A 352 16.03 -5.26 -7.60
CA ILE A 352 14.80 -6.03 -7.80
C ILE A 352 14.32 -6.20 -6.39
N PRO A 353 13.09 -5.86 -6.11
CA PRO A 353 12.42 -6.12 -4.83
C PRO A 353 12.16 -7.60 -4.61
N SER A 354 11.87 -8.10 -3.40
CA SER A 354 11.44 -9.48 -3.21
C SER A 354 10.23 -9.40 -2.32
N VAL A 355 9.16 -10.12 -2.53
CA VAL A 355 8.03 -9.99 -1.66
C VAL A 355 7.65 -11.43 -1.35
N ILE A 356 7.14 -11.72 -0.16
CA ILE A 356 6.66 -13.05 0.25
C ILE A 356 5.23 -12.70 0.70
N TYR A 357 4.16 -13.15 0.08
CA TYR A 357 2.82 -12.69 0.40
C TYR A 357 2.20 -13.38 1.61
N THR A 358 2.99 -13.53 2.69
CA THR A 358 2.42 -14.05 3.92
C THR A 358 1.66 -12.95 4.59
N HIS A 359 0.92 -13.15 5.65
CA HIS A 359 0.34 -11.98 6.30
C HIS A 359 0.87 -12.03 7.73
N PRO A 360 1.82 -11.22 8.21
CA PRO A 360 2.38 -10.04 7.57
C PRO A 360 3.25 -10.31 6.36
N GLU A 361 3.28 -9.38 5.42
CA GLU A 361 3.97 -9.61 4.20
C GLU A 361 5.40 -9.21 4.40
N ILE A 362 6.36 -10.03 4.01
CA ILE A 362 7.75 -9.70 4.02
C ILE A 362 7.97 -9.14 2.61
N ALA A 363 8.89 -8.16 2.45
CA ALA A 363 9.32 -7.54 1.21
C ALA A 363 10.65 -6.84 1.44
N TRP A 364 11.52 -6.67 0.44
CA TRP A 364 12.75 -5.95 0.64
C TRP A 364 13.42 -5.57 -0.65
N VAL A 365 14.36 -4.65 -0.61
CA VAL A 365 15.08 -4.23 -1.78
C VAL A 365 16.37 -3.71 -1.21
N GLY A 366 17.46 -3.81 -1.94
CA GLY A 366 18.75 -3.37 -1.49
C GLY A 366 19.44 -4.40 -0.63
N LYS A 367 20.54 -4.04 0.00
CA LYS A 367 21.36 -4.96 0.75
C LYS A 367 20.86 -5.17 2.16
N THR A 368 21.23 -6.31 2.65
CA THR A 368 20.79 -6.76 3.93
C THR A 368 21.81 -6.22 4.90
N GLU A 369 21.50 -6.14 6.19
CA GLU A 369 22.43 -5.60 7.14
C GLU A 369 23.74 -6.37 7.17
N GLN A 370 23.60 -7.70 7.28
CA GLN A 370 24.72 -8.63 7.32
C GLN A 370 25.59 -8.68 6.08
N THR A 371 25.05 -8.44 4.90
CA THR A 371 25.81 -8.38 3.67
C THR A 371 26.67 -7.18 3.96
N LEU A 372 26.05 -6.05 4.30
CA LEU A 372 26.82 -4.85 4.53
C LEU A 372 27.80 -5.05 5.65
N LYS A 373 27.52 -5.73 6.75
CA LYS A 373 28.54 -5.90 7.76
C LYS A 373 29.67 -6.74 7.24
N ALA A 374 29.38 -7.78 6.51
CA ALA A 374 30.43 -8.62 6.01
C ALA A 374 31.21 -7.92 4.94
N GLU A 375 30.59 -6.97 4.27
CA GLU A 375 31.31 -6.22 3.26
C GLU A 375 32.13 -5.09 3.88
N GLY A 376 32.04 -4.96 5.22
CA GLY A 376 32.79 -3.95 5.95
C GLY A 376 32.24 -2.55 5.70
N VAL A 377 30.91 -2.43 5.68
CA VAL A 377 30.27 -1.16 5.41
C VAL A 377 29.75 -0.78 6.76
N GLU A 378 29.95 0.47 7.15
CA GLU A 378 29.42 0.91 8.42
C GLU A 378 28.19 1.66 7.95
N VAL A 379 27.13 1.18 8.58
CA VAL A 379 25.81 1.63 8.26
C VAL A 379 25.01 2.15 9.45
N ASN A 380 24.17 3.16 9.26
CA ASN A 380 23.26 3.56 10.31
C ASN A 380 21.94 2.88 10.03
N VAL A 381 21.20 2.31 10.99
CA VAL A 381 19.94 1.73 10.62
C VAL A 381 18.77 2.30 11.40
N GLY A 382 17.61 2.53 10.81
CA GLY A 382 16.46 3.00 11.51
C GLY A 382 15.36 2.00 11.35
N THR A 383 14.52 1.89 12.33
CA THR A 383 13.50 0.90 12.49
C THR A 383 12.26 1.63 12.94
N PHE A 384 11.04 1.15 12.74
CA PHE A 384 9.90 1.84 13.24
C PHE A 384 8.87 0.77 13.34
N PRO A 385 8.22 0.46 14.43
CA PRO A 385 7.24 -0.60 14.56
C PRO A 385 5.87 -0.30 14.06
N PHE A 386 5.07 -1.26 13.60
CA PHE A 386 3.77 -0.83 13.16
C PHE A 386 2.89 -0.55 14.34
N ALA A 387 3.42 -0.84 15.51
CA ALA A 387 2.67 -0.64 16.71
C ALA A 387 2.57 0.83 17.05
N ALA A 388 3.51 1.63 16.62
CA ALA A 388 3.28 3.03 16.78
C ALA A 388 2.61 3.63 15.59
N SER A 389 1.99 2.85 14.76
CA SER A 389 1.41 3.43 13.62
C SER A 389 -0.03 3.67 14.00
N GLY A 390 -0.48 4.93 13.88
CA GLY A 390 -1.89 5.25 14.08
C GLY A 390 -2.73 4.54 13.03
N ARG A 391 -2.23 4.48 11.76
CA ARG A 391 -3.01 3.89 10.68
C ARG A 391 -3.04 2.42 10.94
N ALA A 392 -1.92 1.83 11.35
CA ALA A 392 -1.98 0.41 11.63
C ALA A 392 -2.96 0.16 12.73
N MET A 393 -2.98 0.98 13.76
CA MET A 393 -3.88 0.71 14.87
C MET A 393 -5.30 0.86 14.48
N ALA A 394 -5.67 1.79 13.61
CA ALA A 394 -7.07 1.83 13.20
C ALA A 394 -7.38 0.50 12.50
N ALA A 395 -6.43 0.12 11.63
CA ALA A 395 -6.47 -1.09 10.85
C ALA A 395 -6.41 -2.35 11.64
N ASN A 396 -6.02 -2.32 12.90
CA ASN A 396 -5.89 -3.48 13.74
C ASN A 396 -4.84 -4.46 13.19
N ASP A 397 -3.80 -3.96 12.55
CA ASP A 397 -2.80 -4.84 12.01
C ASP A 397 -1.48 -4.26 12.42
N THR A 398 -0.91 -4.54 13.60
CA THR A 398 0.31 -3.85 14.06
C THR A 398 1.57 -4.66 14.18
N THR A 399 1.53 -5.83 13.57
CA THR A 399 2.73 -6.65 13.53
C THR A 399 3.72 -6.19 12.51
N GLY A 400 4.96 -6.17 12.93
CA GLY A 400 5.99 -6.01 11.94
C GLY A 400 6.77 -4.79 12.22
N LEU A 401 7.58 -4.36 11.27
CA LEU A 401 8.39 -3.17 11.43
C LEU A 401 8.99 -2.81 10.10
N VAL A 402 9.46 -1.54 9.96
CA VAL A 402 10.21 -1.10 8.79
C VAL A 402 11.65 -0.98 9.21
N LYS A 403 12.61 -1.07 8.30
CA LYS A 403 13.98 -0.98 8.65
C LYS A 403 14.66 -0.41 7.46
N VAL A 404 15.41 0.68 7.68
CA VAL A 404 16.10 1.39 6.63
C VAL A 404 17.52 1.31 7.02
N ILE A 405 18.38 1.07 6.08
CA ILE A 405 19.77 0.92 6.35
C ILE A 405 20.34 1.97 5.47
N ALA A 406 21.27 2.76 6.03
CA ALA A 406 21.88 3.82 5.25
C ALA A 406 23.36 3.81 5.48
N ASP A 407 24.14 4.23 4.49
CA ASP A 407 25.58 4.24 4.68
C ASP A 407 25.85 5.22 5.80
N ALA A 408 26.74 4.93 6.71
CA ALA A 408 27.01 5.89 7.76
C ALA A 408 27.85 7.05 7.27
N LYS A 409 28.63 6.84 6.24
CA LYS A 409 29.53 7.85 5.72
C LYS A 409 28.70 8.82 4.85
N THR A 410 28.12 8.35 3.72
CA THR A 410 27.19 9.16 2.91
C THR A 410 25.87 8.85 3.57
N ASP A 411 24.77 9.52 3.39
CA ASP A 411 23.64 9.01 4.12
C ASP A 411 22.81 8.28 3.07
N ARG A 412 23.43 7.62 2.09
CA ARG A 412 22.69 6.97 1.02
C ARG A 412 21.89 5.79 1.55
N VAL A 413 20.61 5.66 1.16
CA VAL A 413 19.79 4.51 1.61
C VAL A 413 20.25 3.30 0.80
N LEU A 414 20.71 2.28 1.54
CA LEU A 414 21.23 1.04 1.00
C LEU A 414 20.25 -0.11 0.88
N GLY A 415 19.25 -0.19 1.72
CA GLY A 415 18.26 -1.21 1.62
C GLY A 415 17.12 -0.83 2.50
N VAL A 416 15.93 -1.21 2.16
CA VAL A 416 14.76 -0.92 2.92
C VAL A 416 14.22 -2.33 3.05
N HIS A 417 13.80 -2.71 4.25
CA HIS A 417 13.30 -4.02 4.57
C HIS A 417 12.02 -3.91 5.39
N VAL A 418 10.86 -4.53 5.12
CA VAL A 418 9.73 -4.42 6.01
C VAL A 418 8.90 -5.69 6.06
N ILE A 419 8.37 -6.00 7.23
CA ILE A 419 7.51 -7.13 7.42
C ILE A 419 6.32 -6.47 8.03
N GLY A 420 5.12 -6.58 7.54
CA GLY A 420 3.99 -5.92 8.16
C GLY A 420 3.01 -5.48 7.07
N PRO A 421 1.92 -4.79 7.35
CA PRO A 421 1.00 -4.29 6.36
C PRO A 421 1.59 -3.56 5.15
N SER A 422 1.21 -3.94 3.92
CA SER A 422 1.68 -3.36 2.68
C SER A 422 3.12 -3.31 2.38
N ALA A 423 3.89 -4.17 3.00
CA ALA A 423 5.27 -4.22 2.70
C ALA A 423 5.69 -4.03 1.27
N ALA A 424 4.96 -4.53 0.33
CA ALA A 424 5.39 -4.38 -1.03
C ALA A 424 5.38 -2.97 -1.52
N GLU A 425 4.31 -2.26 -1.11
CA GLU A 425 4.19 -0.87 -1.50
C GLU A 425 5.16 0.07 -0.80
N LEU A 426 5.37 -0.24 0.50
CA LEU A 426 6.31 0.52 1.28
C LEU A 426 7.68 0.27 0.71
N VAL A 427 8.14 -0.94 0.40
CA VAL A 427 9.47 -1.05 -0.20
C VAL A 427 9.46 -0.44 -1.58
N GLN A 428 8.32 -0.40 -2.28
CA GLN A 428 8.39 0.09 -3.61
C GLN A 428 8.75 1.58 -3.52
N GLN A 429 8.21 2.24 -2.45
CA GLN A 429 8.50 3.64 -2.24
C GLN A 429 10.00 3.75 -2.00
N GLY A 430 10.57 2.87 -1.20
CA GLY A 430 11.99 2.92 -1.03
C GLY A 430 12.76 2.63 -2.31
N ALA A 431 12.17 1.91 -3.25
CA ALA A 431 12.93 1.53 -4.44
C ALA A 431 12.98 2.69 -5.36
N ILE A 432 11.84 3.40 -5.38
CA ILE A 432 11.79 4.67 -6.12
C ILE A 432 12.77 5.69 -5.54
N GLY A 433 12.82 5.77 -4.19
CA GLY A 433 13.78 6.60 -3.49
C GLY A 433 15.15 6.24 -4.01
N MET A 434 15.47 4.98 -3.84
CA MET A 434 16.79 4.41 -4.13
C MET A 434 17.24 4.51 -5.56
N GLU A 435 16.26 4.49 -6.43
CA GLU A 435 16.58 4.54 -7.82
C GLU A 435 17.17 5.89 -8.09
N PHE A 436 16.65 6.92 -7.42
CA PHE A 436 17.19 8.27 -7.59
C PHE A 436 18.26 8.62 -6.57
N GLY A 437 18.62 7.78 -5.64
CA GLY A 437 19.70 8.15 -4.75
C GLY A 437 19.27 8.63 -3.39
N THR A 438 18.00 8.60 -2.87
CA THR A 438 17.65 9.13 -1.54
C THR A 438 18.69 8.78 -0.48
N SER A 439 18.76 9.75 0.43
CA SER A 439 19.53 9.57 1.62
C SER A 439 18.45 9.31 2.62
N ALA A 440 18.73 9.02 3.89
CA ALA A 440 17.66 8.86 4.82
C ALA A 440 16.97 10.19 5.01
N GLU A 441 17.81 11.22 5.07
CA GLU A 441 17.30 12.55 5.30
C GLU A 441 16.43 12.97 4.17
N ASP A 442 16.74 12.64 2.91
CA ASP A 442 15.81 13.01 1.84
C ASP A 442 14.43 12.41 2.01
N LEU A 443 14.40 11.18 2.56
CA LEU A 443 13.11 10.56 2.77
C LEU A 443 12.39 11.24 3.87
N GLY A 444 13.21 11.65 4.85
CA GLY A 444 12.78 12.34 6.06
C GLY A 444 12.16 13.69 5.80
N MET A 445 12.74 14.43 4.91
CA MET A 445 12.20 15.73 4.63
C MET A 445 10.94 15.69 3.79
N MET A 446 10.35 14.57 3.42
CA MET A 446 9.23 14.65 2.52
C MET A 446 7.96 14.66 3.32
N VAL A 447 6.86 15.02 2.71
CA VAL A 447 5.63 15.11 3.45
C VAL A 447 4.95 13.79 3.33
N PHE A 448 4.85 12.86 4.27
CA PHE A 448 4.06 11.68 4.04
C PHE A 448 2.66 11.84 4.57
N SER A 449 1.56 11.66 3.82
CA SER A 449 0.18 11.68 4.35
C SER A 449 -0.07 11.09 5.68
N HIS A 450 -0.99 11.67 6.47
CA HIS A 450 -1.37 11.18 7.78
C HIS A 450 -2.85 11.01 7.81
N PRO A 451 -3.41 9.97 8.42
CA PRO A 451 -2.69 8.74 8.80
C PRO A 451 -2.50 7.72 7.65
N THR A 452 -1.30 7.20 7.39
CA THR A 452 -1.12 6.14 6.42
C THR A 452 -0.03 5.18 6.87
N LEU A 453 -0.06 3.95 6.37
CA LEU A 453 1.08 3.07 6.62
C LEU A 453 2.34 3.63 5.98
N SER A 454 2.33 4.41 4.91
CA SER A 454 3.61 4.91 4.34
C SER A 454 4.50 5.64 5.32
N GLU A 455 3.84 6.22 6.35
CA GLU A 455 4.50 6.94 7.43
C GLU A 455 5.47 6.09 8.15
N ALA A 456 5.28 4.80 8.32
CA ALA A 456 6.31 4.03 9.00
C ALA A 456 7.57 4.05 8.12
N LEU A 457 7.49 4.28 6.83
CA LEU A 457 8.70 4.32 6.05
C LEU A 457 9.36 5.61 6.46
N HIS A 458 8.52 6.65 6.50
CA HIS A 458 8.98 7.98 6.92
C HIS A 458 9.71 8.02 8.25
N GLU A 459 9.00 7.60 9.33
CA GLU A 459 9.61 7.57 10.62
C GLU A 459 10.88 6.79 10.63
N ALA A 460 11.04 5.63 10.02
CA ALA A 460 12.27 4.90 10.10
C ALA A 460 13.39 5.57 9.36
N ALA A 461 13.16 6.33 8.29
CA ALA A 461 14.25 7.06 7.65
C ALA A 461 14.82 8.18 8.59
N LEU A 462 13.87 8.79 9.31
CA LEU A 462 14.13 9.83 10.28
C LEU A 462 14.96 9.14 11.33
N ALA A 463 14.41 8.06 11.88
CA ALA A 463 15.14 7.27 12.84
C ALA A 463 16.56 6.85 12.43
N VAL A 464 16.91 6.72 11.15
CA VAL A 464 18.26 6.35 10.75
C VAL A 464 19.26 7.31 11.40
N ASN A 465 18.84 8.56 11.41
CA ASN A 465 19.66 9.60 11.98
C ASN A 465 19.06 10.15 13.29
N GLY A 466 18.55 9.41 14.28
CA GLY A 466 18.15 9.97 15.56
C GLY A 466 16.81 10.67 15.60
N HIS A 467 16.35 11.45 14.61
CA HIS A 467 15.10 12.12 14.84
C HIS A 467 13.76 11.56 14.50
N ALA A 468 13.39 10.42 15.01
CA ALA A 468 12.06 10.03 14.63
C ALA A 468 11.10 10.70 15.59
N ILE A 469 10.11 11.36 15.09
CA ILE A 469 9.17 12.03 15.96
C ILE A 469 8.52 11.06 16.90
N HIS A 470 7.87 10.04 16.36
CA HIS A 470 7.08 9.21 17.25
C HIS A 470 7.74 8.02 17.92
N ILE A 471 9.06 8.09 18.21
CA ILE A 471 9.67 7.09 19.10
C ILE A 471 10.93 7.50 19.89
N ALA A 472 12.04 8.02 19.35
CA ALA A 472 13.31 8.31 20.06
C ALA A 472 14.55 8.70 19.13
N SER B 1 7.01 27.77 35.72
CA SER B 1 8.42 28.16 35.72
C SER B 1 8.47 29.53 35.07
N GLN B 2 9.60 30.13 34.66
CA GLN B 2 9.51 31.43 34.02
C GLN B 2 10.02 31.51 32.58
N LYS B 3 11.25 31.10 32.26
CA LYS B 3 11.78 31.32 30.92
C LYS B 3 11.85 30.02 30.14
N PHE B 4 11.48 30.04 28.84
CA PHE B 4 11.55 28.90 27.94
C PHE B 4 11.98 29.44 26.60
N ASP B 5 12.66 28.59 25.82
CA ASP B 5 13.08 28.91 24.46
C ASP B 5 11.88 28.82 23.49
N VAL B 6 11.04 27.78 23.70
CA VAL B 6 9.81 27.66 22.93
C VAL B 6 8.70 27.28 23.85
N VAL B 7 7.63 27.98 23.60
CA VAL B 7 6.43 27.73 24.34
C VAL B 7 5.42 27.52 23.23
N VAL B 8 4.78 26.34 23.24
CA VAL B 8 3.94 25.90 22.12
C VAL B 8 2.53 25.93 22.64
N ILE B 9 1.56 26.50 21.92
CA ILE B 9 0.16 26.58 22.35
C ILE B 9 -0.69 25.67 21.48
N GLY B 10 -1.18 24.62 22.11
CA GLY B 10 -1.88 23.60 21.37
C GLY B 10 -0.96 22.35 21.21
N ALA B 11 -1.55 21.18 21.51
CA ALA B 11 -0.80 19.93 21.37
C ALA B 11 -1.38 19.01 20.21
N GLY B 12 -1.88 19.66 19.13
CA GLY B 12 -2.33 18.95 17.98
C GLY B 12 -1.07 18.42 17.26
N PRO B 13 -1.27 17.80 16.09
CA PRO B 13 -0.20 17.42 15.18
C PRO B 13 0.82 18.51 14.99
N GLY B 14 0.39 19.75 14.64
CA GLY B 14 1.34 20.83 14.52
C GLY B 14 2.08 21.08 15.86
N GLY B 15 1.29 21.17 16.94
CA GLY B 15 1.85 21.57 18.20
C GLY B 15 2.77 20.55 18.82
N TYR B 16 2.28 19.34 19.04
CA TYR B 16 3.07 18.41 19.74
C TYR B 16 4.29 18.02 18.97
N VAL B 17 4.16 17.93 17.65
CA VAL B 17 5.31 17.61 16.83
C VAL B 17 6.38 18.68 16.94
N ALA B 18 5.96 19.95 16.77
CA ALA B 18 6.88 21.06 16.85
C ALA B 18 7.53 21.03 18.23
N ALA B 19 6.74 20.75 19.28
CA ALA B 19 7.32 20.70 20.61
C ALA B 19 8.36 19.63 20.67
N ILE B 20 8.03 18.42 20.22
CA ILE B 20 9.01 17.34 20.22
C ILE B 20 10.20 17.64 19.33
N ARG B 21 10.07 18.34 18.21
CA ARG B 21 11.24 18.57 17.39
C ARG B 21 12.10 19.55 18.15
N ALA B 22 11.55 20.67 18.63
CA ALA B 22 12.31 21.72 19.35
C ALA B 22 13.11 21.12 20.49
N ALA B 23 12.46 20.27 21.28
CA ALA B 23 13.10 19.56 22.38
C ALA B 23 14.25 18.77 21.88
N GLN B 24 14.11 17.98 20.83
CA GLN B 24 15.21 17.20 20.29
C GLN B 24 16.29 18.15 19.83
N LEU B 25 15.94 19.32 19.27
CA LEU B 25 16.93 20.25 18.82
C LEU B 25 17.71 20.85 19.96
N GLY B 26 17.24 20.67 21.19
CA GLY B 26 17.92 21.15 22.38
C GLY B 26 17.27 22.38 23.02
N LEU B 27 16.10 22.79 22.58
CA LEU B 27 15.54 23.99 23.17
C LEU B 27 14.81 23.60 24.42
N LYS B 28 14.86 24.38 25.48
CA LYS B 28 13.97 24.16 26.61
C LYS B 28 12.59 24.60 26.11
N THR B 29 11.70 23.61 26.05
CA THR B 29 10.37 23.73 25.43
C THR B 29 9.24 23.39 26.38
N ALA B 30 8.15 24.14 26.21
CA ALA B 30 6.97 23.86 27.01
C ALA B 30 5.85 24.00 26.03
N CYS B 31 4.80 23.24 26.30
CA CYS B 31 3.65 23.19 25.43
C CYS B 31 2.48 23.24 26.37
N ILE B 32 1.51 24.00 25.92
CA ILE B 32 0.32 24.31 26.68
C ILE B 32 -0.84 23.68 25.93
N GLU B 33 -1.81 23.09 26.65
CA GLU B 33 -2.93 22.41 26.04
C GLU B 33 -4.00 22.31 27.11
N LYS B 34 -5.20 22.58 26.67
CA LYS B 34 -6.37 22.59 27.53
C LYS B 34 -7.46 21.55 27.25
N TYR B 35 -7.34 20.63 26.28
CA TYR B 35 -8.47 19.82 25.85
C TYR B 35 -8.64 18.81 26.98
N ILE B 36 -9.76 18.88 27.72
CA ILE B 36 -10.03 17.89 28.79
C ILE B 36 -10.60 16.77 27.91
N GLY B 37 -9.87 15.65 27.96
CA GLY B 37 -10.13 14.48 27.12
C GLY B 37 -11.45 13.76 27.33
N LYS B 38 -11.34 12.44 27.28
CA LYS B 38 -12.51 11.56 27.43
C LYS B 38 -12.57 10.90 28.80
N GLU B 39 -11.45 10.84 29.49
CA GLU B 39 -11.44 10.32 30.83
C GLU B 39 -11.22 11.49 31.83
N GLY B 40 -11.82 12.69 31.70
CA GLY B 40 -11.57 13.79 32.65
C GLY B 40 -10.17 14.45 32.59
N LYS B 41 -9.03 13.78 32.40
CA LYS B 41 -7.77 14.48 32.33
C LYS B 41 -7.48 15.14 30.97
N VAL B 42 -6.59 16.13 30.83
CA VAL B 42 -6.29 16.70 29.52
C VAL B 42 -5.72 15.64 28.55
N ALA B 43 -6.16 15.77 27.30
CA ALA B 43 -5.69 14.91 26.25
C ALA B 43 -4.81 15.60 25.26
N LEU B 44 -3.58 15.15 25.15
CA LEU B 44 -2.74 15.65 24.08
C LEU B 44 -3.16 15.06 22.70
N GLY B 45 -2.67 15.58 21.54
CA GLY B 45 -3.03 15.05 20.25
C GLY B 45 -3.98 15.92 19.46
N GLY B 46 -4.82 16.67 20.12
CA GLY B 46 -5.64 17.61 19.36
C GLY B 46 -6.84 17.00 18.67
N THR B 47 -7.28 17.66 17.60
CA THR B 47 -8.41 17.23 16.77
C THR B 47 -8.13 15.88 16.09
N CYS B 48 -6.98 15.83 15.40
CA CYS B 48 -6.55 14.67 14.68
C CYS B 48 -6.65 13.44 15.54
N LEU B 49 -5.99 13.42 16.66
CA LEU B 49 -6.01 12.24 17.47
C LEU B 49 -7.26 12.09 18.29
N ASN B 50 -8.06 13.10 18.60
CA ASN B 50 -9.16 12.82 19.53
C ASN B 50 -10.52 12.77 18.92
N VAL B 51 -10.73 13.56 17.89
CA VAL B 51 -12.00 13.54 17.18
C VAL B 51 -11.78 13.66 15.67
N GLY B 52 -10.59 13.35 15.17
CA GLY B 52 -10.28 13.56 13.77
C GLY B 52 -9.71 12.32 13.07
N CYS B 53 -8.48 12.40 12.58
CA CYS B 53 -7.78 11.35 11.88
C CYS B 53 -7.99 9.98 12.45
N ILE B 54 -7.36 9.58 13.56
CA ILE B 54 -7.57 8.23 14.04
C ILE B 54 -9.04 7.82 14.26
N PRO B 55 -9.95 8.39 15.07
CA PRO B 55 -11.32 7.89 15.25
C PRO B 55 -12.06 7.67 13.95
N SER B 56 -12.08 8.63 13.03
CA SER B 56 -12.75 8.42 11.78
C SER B 56 -12.03 7.25 11.07
N LYS B 57 -10.69 7.13 10.88
CA LYS B 57 -10.11 5.93 10.29
C LYS B 57 -10.52 4.68 10.96
N ALA B 58 -10.50 4.58 12.25
CA ALA B 58 -10.92 3.32 12.82
C ALA B 58 -12.40 3.01 12.57
N LEU B 59 -13.37 3.89 12.50
CA LEU B 59 -14.74 3.42 12.26
C LEU B 59 -14.81 2.97 10.82
N LEU B 60 -14.17 3.72 9.92
CA LEU B 60 -14.13 3.38 8.51
C LEU B 60 -13.57 1.94 8.36
N ASP B 61 -12.52 1.49 9.06
CA ASP B 61 -12.08 0.11 8.96
C ASP B 61 -13.11 -0.84 9.54
N SER B 62 -13.59 -0.73 10.76
CA SER B 62 -14.56 -1.66 11.28
C SER B 62 -15.79 -1.70 10.42
N SER B 63 -16.31 -0.61 9.91
CA SER B 63 -17.52 -0.65 9.11
C SER B 63 -17.23 -1.40 7.80
N TYR B 64 -16.07 -1.15 7.18
CA TYR B 64 -15.64 -1.85 6.00
C TYR B 64 -15.63 -3.36 6.16
N LYS B 65 -14.99 -3.87 7.20
CA LYS B 65 -14.91 -5.30 7.40
C LYS B 65 -16.30 -5.86 7.55
N TYR B 66 -17.21 -5.20 8.25
CA TYR B 66 -18.57 -5.68 8.35
C TYR B 66 -19.15 -5.74 6.95
N HIS B 67 -18.91 -4.74 6.13
CA HIS B 67 -19.48 -4.70 4.82
C HIS B 67 -18.93 -5.82 3.99
N GLU B 68 -17.63 -6.11 4.05
CA GLU B 68 -17.05 -7.13 3.22
C GLU B 68 -17.73 -8.40 3.64
N ALA B 69 -17.74 -8.72 4.92
CA ALA B 69 -18.34 -9.95 5.41
C ALA B 69 -19.77 -10.17 4.96
N LYS B 70 -20.48 -9.11 4.63
CA LYS B 70 -21.85 -9.31 4.27
C LYS B 70 -21.95 -9.24 2.77
N GLU B 71 -21.05 -8.60 2.03
CA GLU B 71 -21.28 -8.50 0.59
C GLU B 71 -20.29 -9.16 -0.31
N ALA B 72 -19.09 -9.44 0.17
CA ALA B 72 -18.07 -9.97 -0.73
C ALA B 72 -17.27 -11.17 -0.27
N PHE B 73 -17.88 -11.81 0.68
CA PHE B 73 -17.30 -12.99 1.26
C PHE B 73 -17.63 -14.29 0.49
N LYS B 74 -18.78 -14.29 -0.15
CA LYS B 74 -19.24 -15.50 -0.77
C LYS B 74 -18.41 -15.84 -1.99
N VAL B 75 -17.94 -14.86 -2.75
CA VAL B 75 -17.15 -15.17 -3.91
C VAL B 75 -15.88 -15.90 -3.51
N HIS B 76 -15.46 -15.87 -2.25
CA HIS B 76 -14.30 -16.61 -1.84
C HIS B 76 -14.71 -17.94 -1.24
N GLY B 77 -15.99 -18.21 -1.22
CA GLY B 77 -16.49 -19.46 -0.69
C GLY B 77 -16.54 -19.35 0.78
N ILE B 78 -16.69 -18.17 1.33
CA ILE B 78 -16.79 -18.04 2.76
C ILE B 78 -18.23 -17.68 3.00
N GLU B 79 -18.85 -18.38 3.91
CA GLU B 79 -20.18 -17.99 4.30
C GLU B 79 -20.18 -17.92 5.81
N ALA B 80 -20.47 -16.71 6.26
CA ALA B 80 -20.61 -16.36 7.67
C ALA B 80 -22.11 -16.43 7.89
N LYS B 81 -22.67 -17.30 8.73
CA LYS B 81 -24.12 -17.33 8.87
C LYS B 81 -24.46 -16.17 9.78
N GLY B 82 -25.23 -15.25 9.21
CA GLY B 82 -25.72 -14.07 9.92
C GLY B 82 -24.68 -13.27 10.73
N VAL B 83 -24.04 -12.31 10.05
CA VAL B 83 -23.06 -11.46 10.71
C VAL B 83 -23.72 -10.20 11.24
N THR B 84 -23.38 -9.78 12.44
CA THR B 84 -23.92 -8.58 13.02
C THR B 84 -22.80 -7.73 13.57
N ILE B 85 -23.15 -6.45 13.76
CA ILE B 85 -22.24 -5.46 14.30
C ILE B 85 -22.88 -4.93 15.60
N ASP B 86 -22.05 -4.84 16.65
CA ASP B 86 -22.42 -4.25 17.92
C ASP B 86 -21.81 -2.84 17.89
N VAL B 87 -22.60 -1.83 17.52
CA VAL B 87 -22.06 -0.47 17.38
C VAL B 87 -21.37 0.01 18.63
N PRO B 88 -21.94 -0.13 19.82
CA PRO B 88 -21.21 0.05 21.07
C PRO B 88 -19.81 -0.47 21.15
N ALA B 89 -19.66 -1.72 20.75
CA ALA B 89 -18.37 -2.38 20.86
C ALA B 89 -17.41 -1.85 19.82
N MET B 90 -18.00 -1.46 18.68
CA MET B 90 -17.22 -0.87 17.61
C MET B 90 -16.56 0.44 18.10
N VAL B 91 -17.46 1.32 18.62
CA VAL B 91 -17.10 2.63 19.10
C VAL B 91 -16.12 2.49 20.25
N ALA B 92 -16.34 1.52 21.12
CA ALA B 92 -15.42 1.33 22.19
C ALA B 92 -14.04 1.04 21.72
N ARG B 93 -13.87 0.26 20.63
CA ARG B 93 -12.54 -0.10 20.15
C ARG B 93 -11.83 1.16 19.72
N LYS B 94 -12.59 2.10 19.17
CA LYS B 94 -12.05 3.39 18.73
C LYS B 94 -11.47 4.18 19.93
N ALA B 95 -12.36 4.21 20.95
CA ALA B 95 -12.17 4.92 22.21
C ALA B 95 -10.85 4.55 22.80
N ASN B 96 -10.67 3.24 22.77
CA ASN B 96 -9.48 2.57 23.17
C ASN B 96 -8.21 2.95 22.45
N ILE B 97 -8.24 3.08 21.14
CA ILE B 97 -7.06 3.39 20.38
C ILE B 97 -6.62 4.80 20.72
N VAL B 98 -7.62 5.67 20.70
CA VAL B 98 -7.44 7.06 21.04
C VAL B 98 -6.77 7.14 22.38
N LYS B 99 -7.36 6.48 23.38
CA LYS B 99 -6.81 6.45 24.72
C LYS B 99 -5.38 6.02 24.66
N ASN B 100 -5.10 5.00 23.88
CA ASN B 100 -3.76 4.51 23.82
C ASN B 100 -2.89 5.45 23.07
N LEU B 101 -3.35 6.20 22.09
CA LEU B 101 -2.44 7.11 21.43
C LEU B 101 -2.14 8.39 22.27
N THR B 102 -3.21 8.99 22.83
CA THR B 102 -3.19 10.09 23.78
C THR B 102 -2.06 9.89 24.78
N GLY B 103 -2.13 8.75 25.44
CA GLY B 103 -1.10 8.38 26.39
C GLY B 103 0.27 8.25 25.76
N GLY B 104 0.33 7.81 24.52
CA GLY B 104 1.59 7.64 23.82
C GLY B 104 2.26 8.97 23.65
N ILE B 105 1.56 10.03 23.26
CA ILE B 105 2.35 11.22 22.97
C ILE B 105 2.75 11.88 24.32
N ALA B 106 1.94 11.71 25.38
CA ALA B 106 2.38 12.16 26.69
C ALA B 106 3.72 11.51 26.98
N THR B 107 3.91 10.19 26.85
CA THR B 107 5.25 9.59 27.09
C THR B 107 6.27 10.10 26.11
N LEU B 108 5.80 10.49 24.95
CA LEU B 108 6.75 10.91 23.97
C LEU B 108 7.36 12.22 24.47
N PHE B 109 6.44 13.03 25.00
CA PHE B 109 6.79 14.30 25.53
C PHE B 109 7.74 14.05 26.67
N LYS B 110 7.41 13.19 27.62
CA LYS B 110 8.25 13.08 28.77
C LYS B 110 9.57 12.56 28.37
N ALA B 111 9.57 11.68 27.41
CA ALA B 111 10.81 11.08 26.94
C ALA B 111 11.75 12.09 26.33
N ASN B 112 11.17 13.13 25.73
CA ASN B 112 11.99 14.13 25.07
C ASN B 112 12.38 15.32 25.93
N GLY B 113 11.75 15.44 27.09
CA GLY B 113 11.95 16.58 27.96
C GLY B 113 11.00 17.73 27.63
N VAL B 114 9.72 17.46 27.53
CA VAL B 114 8.79 18.52 27.17
C VAL B 114 8.00 18.73 28.44
N THR B 115 7.92 20.03 28.73
CA THR B 115 7.28 20.49 29.94
C THR B 115 5.88 20.74 29.45
N SER B 116 4.97 19.94 29.96
CA SER B 116 3.62 20.22 29.57
C SER B 116 2.95 21.13 30.61
N PHE B 117 2.04 21.98 30.15
CA PHE B 117 1.29 22.88 30.99
C PHE B 117 -0.17 22.68 30.69
N GLU B 118 -1.01 22.38 31.65
CA GLU B 118 -2.41 22.28 31.28
C GLU B 118 -3.24 23.53 31.51
N GLY B 119 -3.75 24.18 30.50
CA GLY B 119 -4.66 25.27 30.71
C GLY B 119 -4.67 26.08 29.44
N HIS B 120 -5.41 27.19 29.42
CA HIS B 120 -5.52 28.03 28.23
C HIS B 120 -4.29 28.93 28.21
N GLY B 121 -3.73 29.18 27.05
CA GLY B 121 -2.52 29.95 26.89
C GLY B 121 -2.97 31.12 26.06
N LYS B 122 -2.41 32.30 26.38
CA LYS B 122 -2.72 33.54 25.68
C LYS B 122 -1.44 34.29 25.51
N LEU B 123 -1.28 34.79 24.32
CA LEU B 123 -0.03 35.42 23.92
C LEU B 123 -0.29 36.87 24.24
N LEU B 124 0.50 37.34 25.20
CA LEU B 124 0.46 38.75 25.58
C LEU B 124 1.56 39.42 24.79
N ALA B 125 1.67 40.74 24.93
CA ALA B 125 2.78 41.41 24.28
C ALA B 125 4.12 40.87 24.81
N ASN B 126 5.19 41.14 24.06
CA ASN B 126 6.57 40.79 24.43
C ASN B 126 6.82 39.32 24.74
N LYS B 127 6.00 38.52 24.01
CA LYS B 127 6.08 37.07 23.99
C LYS B 127 6.02 36.49 25.38
N GLN B 128 4.99 36.85 26.11
CA GLN B 128 4.88 36.20 27.39
C GLN B 128 3.54 35.55 27.20
N VAL B 129 3.44 34.36 27.77
CA VAL B 129 2.23 33.61 27.54
C VAL B 129 1.62 33.46 28.89
N GLU B 130 0.36 33.69 28.92
CA GLU B 130 -0.29 33.62 30.17
C GLU B 130 -1.05 32.32 30.11
N VAL B 131 -0.59 31.39 30.91
CA VAL B 131 -1.25 30.12 31.08
C VAL B 131 -2.35 30.28 32.11
N THR B 132 -3.59 30.49 31.75
CA THR B 132 -4.62 30.51 32.75
C THR B 132 -4.76 29.02 33.01
N GLY B 133 -4.20 28.55 34.13
CA GLY B 133 -4.28 27.16 34.54
C GLY B 133 -5.73 26.65 34.57
N LEU B 134 -5.82 25.37 34.93
CA LEU B 134 -7.15 24.76 34.91
C LEU B 134 -8.06 25.17 36.07
N ASP B 135 -7.39 25.25 37.25
CA ASP B 135 -7.97 25.60 38.56
C ASP B 135 -8.00 27.14 38.79
N GLY B 136 -8.39 28.03 37.87
CA GLY B 136 -8.29 29.48 38.03
C GLY B 136 -6.81 29.94 38.03
N LYS B 137 -5.84 29.26 38.69
CA LYS B 137 -4.46 29.71 38.79
C LYS B 137 -3.75 30.16 37.49
N THR B 138 -3.52 31.47 37.41
CA THR B 138 -2.88 32.11 36.27
C THR B 138 -1.37 32.21 36.54
N GLN B 139 -0.59 32.18 35.46
CA GLN B 139 0.86 32.17 35.47
C GLN B 139 1.41 32.79 34.16
N VAL B 140 2.65 33.31 34.12
CA VAL B 140 3.15 33.94 32.93
C VAL B 140 4.49 33.33 32.72
N LEU B 141 4.66 32.81 31.51
CA LEU B 141 5.91 32.23 31.10
C LEU B 141 6.37 33.29 30.17
N GLU B 142 7.66 33.26 30.14
CA GLU B 142 8.40 34.19 29.36
C GLU B 142 8.99 33.26 28.33
N ALA B 143 8.81 33.60 27.05
CA ALA B 143 9.28 32.75 25.99
C ALA B 143 10.16 33.49 25.08
N GLU B 144 11.29 32.89 24.72
CA GLU B 144 12.11 33.44 23.68
C GLU B 144 11.34 33.29 22.37
N ASN B 145 10.63 32.16 22.08
CA ASN B 145 9.88 32.01 20.85
C ASN B 145 8.56 31.44 21.23
N VAL B 146 7.55 31.65 20.43
CA VAL B 146 6.22 31.16 20.71
C VAL B 146 5.72 30.61 19.39
N ILE B 147 5.10 29.42 19.52
CA ILE B 147 4.53 28.71 18.38
C ILE B 147 3.08 28.53 18.71
N ILE B 148 2.24 29.15 17.93
CA ILE B 148 0.81 29.10 18.15
C ILE B 148 0.26 27.98 17.27
N ALA B 149 -0.42 26.97 17.82
CA ALA B 149 -0.97 25.89 17.02
C ALA B 149 -2.36 25.71 17.58
N SER B 150 -3.19 26.75 17.60
CA SER B 150 -4.52 26.59 18.18
C SER B 150 -5.55 25.83 17.32
N GLY B 151 -5.40 25.71 15.99
CA GLY B 151 -6.29 24.77 15.35
C GLY B 151 -7.49 25.39 14.73
N SER B 152 -8.51 24.52 14.66
CA SER B 152 -9.73 24.87 13.91
C SER B 152 -10.90 24.16 14.56
N ARG B 153 -12.08 24.50 14.06
CA ARG B 153 -13.27 24.00 14.69
C ARG B 153 -14.40 24.00 13.63
N PRO B 154 -15.46 23.18 13.73
CA PRO B 154 -16.57 23.10 12.81
C PRO B 154 -17.23 24.42 12.58
N VAL B 155 -17.47 24.71 11.31
CA VAL B 155 -18.30 25.83 10.98
C VAL B 155 -19.66 25.47 11.50
N GLU B 156 -20.36 26.47 12.01
CA GLU B 156 -21.70 26.26 12.53
C GLU B 156 -22.55 26.85 11.44
N ILE B 157 -23.76 26.35 11.18
CA ILE B 157 -24.56 27.11 10.26
C ILE B 157 -25.93 27.31 10.87
N PRO B 158 -26.46 28.52 10.69
CA PRO B 158 -27.77 28.89 11.16
C PRO B 158 -28.85 27.90 10.81
N PRO B 159 -29.19 27.45 9.58
CA PRO B 159 -30.40 26.68 9.37
C PRO B 159 -30.26 25.34 10.04
N ALA B 160 -29.08 24.91 10.47
CA ALA B 160 -28.93 23.63 11.11
C ALA B 160 -27.99 23.89 12.29
N PRO B 161 -28.53 24.35 13.39
CA PRO B 161 -27.80 24.59 14.64
C PRO B 161 -27.62 23.30 15.44
N LEU B 162 -26.51 23.08 16.16
CA LEU B 162 -26.32 21.78 16.78
C LEU B 162 -27.34 21.60 17.88
N SER B 163 -28.40 20.87 17.62
CA SER B 163 -29.42 20.64 18.61
C SER B 163 -29.19 19.28 19.21
N ASP B 164 -28.85 19.22 20.48
CA ASP B 164 -28.73 17.96 21.21
C ASP B 164 -27.89 16.94 20.42
N ASP B 165 -28.26 15.65 20.47
CA ASP B 165 -27.67 14.59 19.66
C ASP B 165 -28.41 14.39 18.33
N ILE B 166 -29.32 15.29 17.95
CA ILE B 166 -30.04 15.14 16.72
C ILE B 166 -29.18 15.88 15.72
N ILE B 167 -28.89 17.16 15.82
CA ILE B 167 -28.07 17.80 14.81
C ILE B 167 -26.76 17.88 15.53
N VAL B 168 -25.84 17.16 14.95
CA VAL B 168 -24.60 16.90 15.61
C VAL B 168 -23.45 17.34 14.70
N ASP B 169 -22.19 17.25 15.09
CA ASP B 169 -21.01 17.63 14.24
C ASP B 169 -20.02 16.44 14.11
N SER B 170 -18.85 16.59 13.39
CA SER B 170 -17.81 15.56 13.24
C SER B 170 -17.75 14.66 14.45
N THR B 171 -17.59 15.34 15.57
CA THR B 171 -17.43 14.65 16.82
C THR B 171 -18.62 13.81 17.27
N GLY B 172 -19.85 14.31 17.19
CA GLY B 172 -21.00 13.54 17.65
C GLY B 172 -21.26 12.35 16.73
N ALA B 173 -21.00 12.58 15.43
CA ALA B 173 -21.09 11.54 14.43
C ALA B 173 -20.12 10.44 14.81
N LEU B 174 -18.94 10.71 15.35
CA LEU B 174 -18.04 9.65 15.73
C LEU B 174 -18.45 8.99 17.04
N GLU B 175 -19.64 9.31 17.55
CA GLU B 175 -19.96 8.86 18.89
C GLU B 175 -21.26 8.07 18.97
N PHE B 176 -22.02 7.87 17.85
CA PHE B 176 -23.31 7.18 17.84
C PHE B 176 -23.22 5.82 18.45
N GLN B 177 -24.00 5.54 19.46
CA GLN B 177 -23.99 4.21 20.04
C GLN B 177 -24.99 3.30 19.26
N ALA B 178 -25.48 3.72 18.08
CA ALA B 178 -26.42 2.96 17.30
C ALA B 178 -26.58 3.47 15.86
N VAL B 179 -27.06 2.67 14.91
CA VAL B 179 -27.10 3.16 13.54
C VAL B 179 -28.35 3.98 13.26
N PRO B 180 -28.18 5.25 12.88
CA PRO B 180 -29.29 6.07 12.53
C PRO B 180 -29.98 5.36 11.36
N LYS B 181 -31.26 5.12 11.48
CA LYS B 181 -31.99 4.54 10.38
C LYS B 181 -31.89 5.43 9.17
N LYS B 182 -32.02 6.73 9.26
CA LYS B 182 -31.90 7.57 8.07
C LYS B 182 -30.93 8.64 8.49
N LEU B 183 -30.08 9.18 7.67
CA LEU B 183 -29.04 10.09 8.13
C LEU B 183 -28.73 11.05 7.03
N GLY B 184 -28.57 12.31 7.43
CA GLY B 184 -28.29 13.38 6.48
C GLY B 184 -26.93 13.95 6.81
N VAL B 185 -26.20 14.46 5.85
CA VAL B 185 -24.90 15.03 6.11
C VAL B 185 -25.05 16.27 5.25
N ILE B 186 -24.62 17.41 5.75
CA ILE B 186 -24.67 18.62 4.97
C ILE B 186 -23.18 18.78 4.74
N GLY B 187 -22.83 18.60 3.47
CA GLY B 187 -21.46 18.76 3.03
C GLY B 187 -20.94 17.49 2.40
N ALA B 188 -20.60 17.55 1.12
CA ALA B 188 -20.10 16.41 0.40
C ALA B 188 -18.64 16.63 0.05
N GLY B 189 -17.95 16.73 1.17
CA GLY B 189 -16.50 16.85 1.17
C GLY B 189 -15.93 15.76 2.07
N VAL B 190 -14.61 15.74 2.25
CA VAL B 190 -13.94 14.66 2.93
C VAL B 190 -14.57 14.10 4.17
N ILE B 191 -14.91 14.94 5.14
CA ILE B 191 -15.45 14.44 6.40
C ILE B 191 -16.87 14.06 6.20
N GLY B 192 -17.57 14.67 5.25
CA GLY B 192 -18.97 14.28 4.98
C GLY B 192 -19.01 12.83 4.44
N LEU B 193 -18.24 12.68 3.33
CA LEU B 193 -18.07 11.43 2.63
C LEU B 193 -17.62 10.35 3.61
N GLU B 194 -16.57 10.61 4.39
CA GLU B 194 -16.15 9.58 5.30
C GLU B 194 -17.17 9.29 6.37
N LEU B 195 -17.86 10.28 6.98
CA LEU B 195 -18.77 9.87 8.06
C LEU B 195 -20.00 9.16 7.49
N GLY B 196 -20.33 9.54 6.25
CA GLY B 196 -21.44 8.99 5.52
C GLY B 196 -21.20 7.51 5.35
N SER B 197 -20.04 7.20 4.69
CA SER B 197 -19.65 5.81 4.43
C SER B 197 -19.77 4.96 5.68
N VAL B 198 -19.31 5.46 6.84
CA VAL B 198 -19.36 4.67 8.04
C VAL B 198 -20.78 4.28 8.34
N TRP B 199 -21.73 5.19 8.35
CA TRP B 199 -23.02 4.76 8.86
C TRP B 199 -23.79 3.99 7.77
N ALA B 200 -23.57 4.39 6.51
CA ALA B 200 -24.20 3.75 5.37
C ALA B 200 -23.81 2.28 5.30
N ARG B 201 -22.50 2.02 5.41
CA ARG B 201 -21.99 0.66 5.46
C ARG B 201 -22.72 -0.20 6.50
N LEU B 202 -23.23 0.38 7.60
CA LEU B 202 -23.85 -0.43 8.62
C LEU B 202 -25.34 -0.34 8.54
N GLY B 203 -25.89 0.20 7.47
CA GLY B 203 -27.34 0.16 7.33
C GLY B 203 -28.08 1.48 7.31
N ALA B 204 -27.37 2.59 7.49
CA ALA B 204 -28.04 3.86 7.55
C ALA B 204 -28.49 4.25 6.18
N GLU B 205 -29.63 4.83 6.06
CA GLU B 205 -29.99 5.38 4.80
C GLU B 205 -29.39 6.78 4.60
N VAL B 206 -28.30 7.03 3.89
CA VAL B 206 -27.67 8.34 3.84
C VAL B 206 -27.98 9.24 2.70
N THR B 207 -28.31 10.51 3.00
CA THR B 207 -28.49 11.51 1.94
C THR B 207 -27.41 12.52 2.24
N VAL B 208 -26.65 13.05 1.29
CA VAL B 208 -25.57 13.99 1.58
C VAL B 208 -26.04 15.20 0.78
N LEU B 209 -26.38 16.32 1.43
CA LEU B 209 -26.87 17.55 0.79
C LEU B 209 -25.64 18.43 0.61
N GLU B 210 -25.37 18.96 -0.56
CA GLU B 210 -24.16 19.70 -0.78
C GLU B 210 -24.55 20.83 -1.69
N ALA B 211 -24.25 22.03 -1.28
CA ALA B 211 -24.66 23.20 -2.02
C ALA B 211 -23.99 23.48 -3.34
N LEU B 212 -22.84 22.87 -3.64
CA LEU B 212 -22.23 23.16 -4.93
C LEU B 212 -22.64 22.18 -5.98
N ASP B 213 -22.44 22.62 -7.19
CA ASP B 213 -22.77 21.82 -8.34
C ASP B 213 -21.61 20.92 -8.70
N LYS B 214 -20.45 21.05 -8.08
CA LYS B 214 -19.33 20.25 -8.50
C LYS B 214 -18.96 19.36 -7.33
N PHE B 215 -18.94 18.03 -7.57
CA PHE B 215 -18.49 17.06 -6.58
C PHE B 215 -16.99 17.19 -6.54
N LEU B 216 -16.42 17.04 -5.35
CA LEU B 216 -14.98 17.07 -5.13
C LEU B 216 -14.16 17.96 -6.04
N PRO B 217 -14.46 19.25 -6.09
CA PRO B 217 -13.81 20.17 -7.01
C PRO B 217 -12.33 20.32 -6.85
N ALA B 218 -11.68 19.77 -5.83
CA ALA B 218 -10.22 19.86 -5.78
C ALA B 218 -9.54 18.63 -6.43
N ALA B 219 -10.30 17.52 -6.46
CA ALA B 219 -9.88 16.21 -6.96
C ALA B 219 -9.93 16.34 -8.47
N ASP B 220 -9.07 15.59 -9.19
CA ASP B 220 -9.10 15.63 -10.63
C ASP B 220 -10.46 15.21 -11.08
N GLU B 221 -10.99 15.94 -12.06
CA GLU B 221 -12.31 15.70 -12.66
C GLU B 221 -12.68 14.24 -12.95
N GLN B 222 -11.72 13.48 -13.51
CA GLN B 222 -11.91 12.06 -13.80
C GLN B 222 -12.17 11.19 -12.56
N ILE B 223 -11.35 11.45 -11.53
CA ILE B 223 -11.44 10.77 -10.27
C ILE B 223 -12.76 11.21 -9.69
N ALA B 224 -13.14 12.49 -9.78
CA ALA B 224 -14.37 12.98 -9.18
C ALA B 224 -15.58 12.29 -9.74
N LYS B 225 -15.60 12.22 -11.07
CA LYS B 225 -16.64 11.55 -11.83
C LYS B 225 -16.68 10.11 -11.39
N GLU B 226 -15.50 9.52 -11.32
CA GLU B 226 -15.42 8.15 -10.96
C GLU B 226 -15.84 7.93 -9.56
N ALA B 227 -15.45 8.84 -8.69
CA ALA B 227 -15.73 8.72 -7.28
C ALA B 227 -17.21 8.76 -7.05
N LEU B 228 -17.84 9.71 -7.71
CA LEU B 228 -19.21 9.95 -7.41
C LEU B 228 -20.09 8.77 -7.68
N LYS B 229 -19.74 8.22 -8.87
CA LYS B 229 -20.35 7.02 -9.50
C LYS B 229 -20.31 5.88 -8.50
N VAL B 230 -19.08 5.65 -8.06
CA VAL B 230 -18.86 4.61 -7.11
C VAL B 230 -19.63 4.81 -5.79
N LEU B 231 -19.68 6.04 -5.26
CA LEU B 231 -20.20 6.30 -3.94
C LEU B 231 -21.67 6.32 -3.90
N THR B 232 -22.28 6.74 -4.98
CA THR B 232 -23.72 6.66 -5.03
C THR B 232 -24.10 5.20 -5.14
N LYS B 233 -23.32 4.47 -5.92
CA LYS B 233 -23.58 3.06 -6.08
C LYS B 233 -23.36 2.37 -4.74
N GLN B 234 -22.46 2.90 -3.91
CA GLN B 234 -22.18 2.31 -2.61
C GLN B 234 -23.28 2.65 -1.60
N GLY B 235 -24.22 3.51 -2.00
CA GLY B 235 -25.41 3.85 -1.20
C GLY B 235 -25.61 5.32 -0.73
N LEU B 236 -24.71 6.25 -1.10
CA LEU B 236 -24.81 7.59 -0.58
C LEU B 236 -25.55 8.39 -1.62
N ASN B 237 -26.71 8.86 -1.19
CA ASN B 237 -27.55 9.66 -2.03
C ASN B 237 -26.99 11.08 -1.98
N ILE B 238 -26.08 11.41 -2.87
CA ILE B 238 -25.44 12.69 -2.83
C ILE B 238 -26.24 13.67 -3.64
N ARG B 239 -26.76 14.80 -3.12
CA ARG B 239 -27.53 15.71 -3.95
C ARG B 239 -26.76 16.99 -4.10
N LEU B 240 -26.29 17.26 -5.30
CA LEU B 240 -25.54 18.46 -5.51
C LEU B 240 -26.45 19.67 -5.66
N GLY B 241 -25.81 20.84 -5.47
CA GLY B 241 -26.45 22.14 -5.55
C GLY B 241 -27.64 22.28 -4.62
N ALA B 242 -27.75 21.60 -3.48
CA ALA B 242 -28.93 21.72 -2.66
C ALA B 242 -28.52 22.53 -1.46
N ARG B 243 -29.29 23.61 -1.32
CA ARG B 243 -29.10 24.63 -0.29
C ARG B 243 -30.07 24.43 0.86
N VAL B 244 -29.60 24.21 2.09
CA VAL B 244 -30.47 23.98 3.25
C VAL B 244 -30.95 25.33 3.72
N THR B 245 -32.26 25.44 3.90
CA THR B 245 -32.95 26.62 4.36
C THR B 245 -33.39 26.49 5.81
N ALA B 246 -33.90 25.33 6.25
CA ALA B 246 -34.43 25.25 7.60
C ALA B 246 -34.28 23.89 8.24
N SER B 247 -34.16 23.76 9.56
CA SER B 247 -34.21 22.51 10.31
C SER B 247 -35.38 22.69 11.27
N GLU B 248 -35.90 21.60 11.81
CA GLU B 248 -37.02 21.67 12.71
C GLU B 248 -36.86 20.35 13.39
N VAL B 249 -36.41 20.35 14.62
CA VAL B 249 -36.25 19.11 15.34
C VAL B 249 -37.64 18.86 15.89
N LYS B 250 -38.10 17.61 15.87
CA LYS B 250 -39.41 17.25 16.32
C LYS B 250 -39.40 15.74 16.44
N LYS B 251 -39.92 15.30 17.58
CA LYS B 251 -40.05 13.88 17.95
C LYS B 251 -38.84 13.00 17.66
N LYS B 252 -37.68 13.57 18.01
CA LYS B 252 -36.36 12.94 17.85
C LYS B 252 -35.89 12.77 16.40
N GLN B 253 -36.36 13.67 15.56
CA GLN B 253 -36.04 13.68 14.15
C GLN B 253 -35.88 15.09 13.71
N VAL B 254 -35.31 15.39 12.58
CA VAL B 254 -35.23 16.75 12.15
C VAL B 254 -35.63 16.74 10.68
N THR B 255 -36.22 17.84 10.23
CA THR B 255 -36.66 17.94 8.86
C THR B 255 -35.92 19.07 8.23
N VAL B 256 -35.10 18.72 7.26
CA VAL B 256 -34.34 19.71 6.59
C VAL B 256 -35.15 20.17 5.40
N THR B 257 -35.17 21.47 5.21
CA THR B 257 -35.90 22.12 4.14
C THR B 257 -34.77 22.53 3.18
N PHE B 258 -34.77 22.25 1.87
CA PHE B 258 -33.69 22.69 0.99
C PHE B 258 -34.16 22.93 -0.40
N THR B 259 -33.42 23.80 -1.01
CA THR B 259 -33.75 24.16 -2.35
C THR B 259 -32.66 23.62 -3.22
N ASP B 260 -32.99 22.72 -4.13
CA ASP B 260 -32.01 22.38 -5.15
C ASP B 260 -32.54 22.94 -6.45
N ALA B 261 -32.38 22.31 -7.61
CA ALA B 261 -32.81 22.92 -8.86
C ALA B 261 -34.30 22.89 -8.99
N ASN B 262 -34.95 21.76 -8.70
CA ASN B 262 -36.41 21.77 -8.71
C ASN B 262 -36.81 22.14 -7.27
N GLY B 263 -36.51 23.39 -6.92
CA GLY B 263 -36.88 24.05 -5.69
C GLY B 263 -36.72 23.31 -4.37
N GLU B 264 -37.74 23.66 -3.60
CA GLU B 264 -37.83 23.21 -2.24
C GLU B 264 -38.27 21.77 -2.14
N GLN B 265 -37.55 21.10 -1.26
CA GLN B 265 -37.84 19.76 -0.86
C GLN B 265 -37.60 19.85 0.64
N LYS B 266 -38.13 18.86 1.33
CA LYS B 266 -37.94 18.73 2.76
C LYS B 266 -37.62 17.26 2.91
N GLU B 267 -36.69 16.79 3.74
CA GLU B 267 -36.43 15.37 3.92
C GLU B 267 -36.32 15.20 5.43
N THR B 268 -36.72 14.11 6.06
CA THR B 268 -36.64 14.04 7.52
C THR B 268 -35.66 13.03 8.10
N PHE B 269 -34.49 13.44 8.58
CA PHE B 269 -33.54 12.46 9.05
C PHE B 269 -33.75 12.12 10.51
N ASP B 270 -33.22 11.02 10.98
CA ASP B 270 -33.17 10.71 12.40
C ASP B 270 -31.96 11.37 13.08
N LYS B 271 -30.94 11.77 12.29
CA LYS B 271 -29.69 12.35 12.79
C LYS B 271 -29.19 13.23 11.65
N LEU B 272 -28.54 14.37 11.86
CA LEU B 272 -28.11 15.25 10.81
C LEU B 272 -26.73 15.69 11.20
N ILE B 273 -25.85 15.57 10.24
CA ILE B 273 -24.47 15.84 10.48
C ILE B 273 -24.24 17.07 9.66
N VAL B 274 -23.65 18.06 10.34
CA VAL B 274 -23.29 19.29 9.67
C VAL B 274 -21.80 19.19 9.48
N ALA B 275 -21.44 19.07 8.22
CA ALA B 275 -20.05 18.93 7.95
C ALA B 275 -19.73 19.92 6.86
N VAL B 276 -20.24 21.14 7.02
CA VAL B 276 -19.99 22.20 6.04
C VAL B 276 -18.54 22.76 5.97
N GLY B 277 -17.74 22.72 7.05
CA GLY B 277 -16.41 23.29 7.03
C GLY B 277 -15.81 23.24 8.43
N ARG B 278 -14.76 24.04 8.55
CA ARG B 278 -13.95 24.19 9.74
C ARG B 278 -13.38 25.59 9.67
N ARG B 279 -13.13 26.27 10.79
CA ARG B 279 -12.69 27.64 10.80
C ARG B 279 -11.57 27.72 11.82
N PRO B 280 -10.60 28.65 11.73
CA PRO B 280 -9.44 28.76 12.63
C PRO B 280 -9.85 29.18 14.01
N VAL B 281 -9.27 28.64 15.09
CA VAL B 281 -9.66 29.18 16.37
C VAL B 281 -8.59 30.14 16.88
N THR B 282 -9.06 31.37 17.05
CA THR B 282 -8.22 32.40 17.59
C THR B 282 -8.75 32.99 18.88
N THR B 283 -9.87 32.43 19.40
CA THR B 283 -10.56 32.83 20.62
C THR B 283 -9.94 33.66 21.75
N ASP B 284 -9.23 33.23 22.79
CA ASP B 284 -8.74 34.27 23.68
C ASP B 284 -7.30 33.96 23.57
N LEU B 285 -6.84 34.00 22.33
CA LEU B 285 -5.53 33.52 22.11
C LEU B 285 -4.59 34.68 22.12
N LEU B 286 -5.03 35.80 21.59
CA LEU B 286 -4.12 36.90 21.41
C LEU B 286 -4.59 38.07 22.25
N ALA B 287 -3.70 38.54 23.16
CA ALA B 287 -3.89 39.78 23.91
C ALA B 287 -3.96 40.94 22.89
N ALA B 288 -4.85 41.92 23.08
CA ALA B 288 -5.05 43.07 22.19
C ALA B 288 -3.83 43.77 21.57
N ASP B 289 -2.67 43.59 22.18
CA ASP B 289 -1.42 44.23 21.83
C ASP B 289 -0.30 43.19 21.67
N SER B 290 -0.59 41.97 21.19
CA SER B 290 0.41 40.91 21.07
C SER B 290 1.36 41.23 19.93
N GLY B 291 0.72 41.84 18.94
CA GLY B 291 1.36 42.23 17.72
C GLY B 291 0.92 41.33 16.54
N VAL B 292 0.27 40.18 16.85
CA VAL B 292 -0.09 39.18 15.86
C VAL B 292 -1.37 39.59 15.13
N THR B 293 -1.30 39.45 13.79
CA THR B 293 -2.35 39.88 12.87
C THR B 293 -3.30 38.76 12.44
N LEU B 294 -4.51 39.08 12.06
CA LEU B 294 -5.34 38.07 11.45
C LEU B 294 -5.61 38.57 10.04
N ASP B 295 -5.89 37.70 9.09
CA ASP B 295 -6.30 38.11 7.75
C ASP B 295 -7.81 38.31 7.87
N GLU B 296 -8.47 38.38 6.74
CA GLU B 296 -9.90 38.62 6.67
C GLU B 296 -10.75 37.47 7.14
N ARG B 297 -10.20 36.23 7.05
CA ARG B 297 -11.02 35.06 7.36
C ARG B 297 -10.85 34.49 8.75
N GLY B 298 -9.90 35.04 9.48
CA GLY B 298 -9.68 34.58 10.84
C GLY B 298 -8.34 33.93 11.06
N PHE B 299 -7.72 33.63 9.95
CA PHE B 299 -6.45 32.93 10.02
C PHE B 299 -5.49 33.93 10.53
N ILE B 300 -4.53 33.48 11.32
CA ILE B 300 -3.41 34.30 11.71
C ILE B 300 -2.62 34.47 10.40
N TYR B 301 -2.07 35.66 10.26
CA TYR B 301 -1.31 35.97 9.07
C TYR B 301 0.10 35.49 9.35
N VAL B 302 0.61 34.72 8.39
CA VAL B 302 1.98 34.19 8.33
C VAL B 302 2.49 34.25 6.91
N ASP B 303 3.80 34.20 6.79
CA ASP B 303 4.49 34.11 5.51
C ASP B 303 4.72 32.62 5.20
N ASP B 304 5.68 32.35 4.32
CA ASP B 304 6.02 30.99 3.94
C ASP B 304 6.74 30.20 5.02
N HIS B 305 7.41 30.84 5.96
CA HIS B 305 8.08 30.08 6.98
C HIS B 305 7.28 30.03 8.26
N CYS B 306 5.98 30.29 8.20
CA CYS B 306 5.15 30.44 9.37
C CYS B 306 5.50 31.51 10.44
N LYS B 307 6.39 32.45 10.11
CA LYS B 307 6.73 33.66 10.87
C LYS B 307 5.51 34.55 10.82
N THR B 308 5.13 35.07 11.99
CA THR B 308 4.00 35.99 12.05
C THR B 308 4.67 37.34 11.91
N SER B 309 3.76 38.29 12.04
CA SER B 309 4.02 39.70 12.12
C SER B 309 4.94 40.05 13.29
N VAL B 310 5.10 39.28 14.37
CA VAL B 310 6.06 39.67 15.40
C VAL B 310 7.13 38.62 15.40
N PRO B 311 8.38 39.05 15.37
CA PRO B 311 9.53 38.18 15.26
C PRO B 311 9.59 37.35 16.48
N GLY B 312 9.82 36.06 16.25
CA GLY B 312 9.94 35.14 17.36
C GLY B 312 8.59 34.49 17.57
N VAL B 313 7.55 34.91 16.85
CA VAL B 313 6.28 34.22 16.96
C VAL B 313 5.84 33.64 15.60
N PHE B 314 5.48 32.33 15.67
CA PHE B 314 5.13 31.52 14.51
C PHE B 314 3.77 30.92 14.73
N ALA B 315 3.09 30.70 13.59
CA ALA B 315 1.78 30.09 13.65
C ALA B 315 1.71 28.89 12.70
N ILE B 316 1.10 27.74 13.05
CA ILE B 316 1.04 26.58 12.18
C ILE B 316 -0.28 25.78 12.18
N GLY B 317 -0.49 25.09 11.07
CA GLY B 317 -1.60 24.17 10.99
C GLY B 317 -2.84 24.87 10.58
N ASP B 318 -3.96 24.52 11.18
CA ASP B 318 -5.23 24.99 10.68
C ASP B 318 -5.55 26.45 10.95
N VAL B 319 -4.82 27.15 11.86
CA VAL B 319 -5.06 28.56 12.05
C VAL B 319 -4.35 29.28 10.95
N VAL B 320 -3.43 28.74 10.17
CA VAL B 320 -2.83 29.55 9.12
C VAL B 320 -3.24 28.99 7.80
N ARG B 321 -2.87 29.68 6.74
CA ARG B 321 -3.17 29.27 5.38
C ARG B 321 -2.54 27.96 5.07
N GLY B 322 -3.35 27.25 4.28
CA GLY B 322 -2.91 26.02 3.65
C GLY B 322 -3.99 24.96 3.72
N ALA B 323 -3.65 23.72 3.43
CA ALA B 323 -4.69 22.72 3.48
C ALA B 323 -4.80 22.28 4.92
N MET B 324 -6.06 22.19 5.30
CA MET B 324 -6.31 21.77 6.65
C MET B 324 -6.21 20.23 6.85
N LEU B 325 -4.95 19.77 6.87
CA LEU B 325 -4.55 18.41 6.96
C LEU B 325 -3.46 18.22 7.99
N ALA B 326 -3.62 17.25 8.84
CA ALA B 326 -2.67 16.89 9.84
C ALA B 326 -1.26 16.82 9.33
N HIS B 327 -0.89 16.28 8.17
CA HIS B 327 0.57 16.21 7.82
C HIS B 327 1.10 17.55 7.39
N LYS B 328 0.21 18.49 7.00
CA LYS B 328 0.61 19.83 6.66
C LYS B 328 0.98 20.49 7.96
N ALA B 329 0.14 20.34 9.01
CA ALA B 329 0.44 20.91 10.33
C ALA B 329 1.75 20.34 10.84
N SER B 330 1.93 19.03 10.94
CA SER B 330 3.16 18.51 11.52
C SER B 330 4.38 18.95 10.81
N GLU B 331 4.35 19.00 9.49
CA GLU B 331 5.55 19.44 8.82
C GLU B 331 5.79 20.92 9.06
N GLU B 332 4.76 21.79 9.15
CA GLU B 332 5.00 23.18 9.50
C GLU B 332 5.59 23.17 10.89
N GLY B 333 5.05 22.36 11.79
CA GLY B 333 5.62 22.20 13.14
C GLY B 333 7.12 21.96 13.10
N VAL B 334 7.57 21.07 12.22
CA VAL B 334 8.98 20.74 12.12
C VAL B 334 9.74 21.83 11.41
N MET B 335 9.20 22.42 10.33
CA MET B 335 9.89 23.50 9.67
C MET B 335 10.22 24.55 10.73
N VAL B 336 9.19 24.99 11.50
CA VAL B 336 9.32 26.01 12.50
C VAL B 336 10.32 25.64 13.59
N ALA B 337 10.26 24.46 14.17
CA ALA B 337 11.22 24.11 15.18
C ALA B 337 12.62 24.12 14.62
N GLU B 338 12.76 23.62 13.40
CA GLU B 338 14.05 23.48 12.74
C GLU B 338 14.76 24.83 12.59
N ARG B 339 13.97 25.80 12.09
CA ARG B 339 14.40 27.20 11.90
C ARG B 339 14.75 27.93 13.19
N ILE B 340 13.92 27.88 14.24
CA ILE B 340 14.24 28.42 15.54
C ILE B 340 15.60 27.81 15.94
N ALA B 341 15.96 26.55 15.78
CA ALA B 341 17.27 26.03 16.14
C ALA B 341 18.36 26.43 15.17
N GLY B 342 18.08 27.11 14.07
CA GLY B 342 19.14 27.55 13.17
C GLY B 342 19.31 26.77 11.87
N HIS B 343 18.32 26.06 11.34
CA HIS B 343 18.48 25.35 10.09
C HIS B 343 17.51 25.99 9.13
N LYS B 344 17.83 26.22 7.88
CA LYS B 344 16.84 26.84 7.02
C LYS B 344 15.92 25.85 6.32
N ALA B 345 15.09 25.21 7.12
CA ALA B 345 14.21 24.23 6.60
C ALA B 345 13.20 24.93 5.74
N GLN B 346 12.84 24.37 4.60
CA GLN B 346 11.84 24.93 3.72
C GLN B 346 10.82 23.80 3.65
N MET B 347 9.59 24.14 3.36
CA MET B 347 8.49 23.20 3.38
C MET B 347 7.96 23.23 1.96
N ASN B 348 7.77 22.08 1.33
CA ASN B 348 7.34 22.08 -0.04
C ASN B 348 5.84 22.06 -0.04
N TYR B 349 5.20 23.17 -0.28
CA TYR B 349 3.76 23.10 -0.25
C TYR B 349 3.14 22.49 -1.51
N ASP B 350 3.92 22.22 -2.57
CA ASP B 350 3.34 21.68 -3.80
C ASP B 350 3.08 20.17 -3.74
N LEU B 351 3.82 19.53 -2.84
CA LEU B 351 3.64 18.12 -2.72
C LEU B 351 2.84 17.65 -1.53
N ILE B 352 1.81 18.33 -1.02
CA ILE B 352 1.10 17.74 0.11
C ILE B 352 0.08 16.84 -0.56
N PRO B 353 0.06 15.55 -0.21
CA PRO B 353 -0.89 14.58 -0.77
C PRO B 353 -2.28 14.80 -0.22
N SER B 354 -3.42 14.38 -0.81
CA SER B 354 -4.73 14.44 -0.12
C SER B 354 -5.31 13.04 -0.11
N VAL B 355 -5.99 12.54 0.87
CA VAL B 355 -6.46 11.20 0.86
C VAL B 355 -7.83 11.38 1.45
N ILE B 356 -8.80 10.65 0.90
CA ILE B 356 -10.15 10.58 1.45
C ILE B 356 -10.24 9.08 1.74
N TYR B 357 -10.60 8.59 2.92
CA TYR B 357 -10.48 7.18 3.25
C TYR B 357 -11.75 6.39 3.04
N THR B 358 -12.36 6.63 1.87
CA THR B 358 -13.52 5.87 1.48
C THR B 358 -13.01 4.55 0.95
N HIS B 359 -13.88 3.59 0.66
CA HIS B 359 -13.32 2.42 0.02
C HIS B 359 -14.10 2.40 -1.26
N PRO B 360 -13.54 2.63 -2.46
CA PRO B 360 -12.13 2.81 -2.73
C PRO B 360 -11.62 4.15 -2.21
N GLU B 361 -10.33 4.19 -1.99
CA GLU B 361 -9.79 5.36 -1.37
C GLU B 361 -9.43 6.36 -2.42
N ILE B 362 -9.86 7.60 -2.34
CA ILE B 362 -9.35 8.57 -3.27
C ILE B 362 -8.03 9.12 -2.70
N ALA B 363 -7.09 9.60 -3.49
CA ALA B 363 -5.86 10.24 -3.02
C ALA B 363 -5.14 10.89 -4.20
N TRP B 364 -4.37 11.97 -4.04
CA TRP B 364 -3.67 12.62 -5.13
C TRP B 364 -2.55 13.45 -4.65
N VAL B 365 -1.71 13.94 -5.50
CA VAL B 365 -0.64 14.85 -5.13
C VAL B 365 -0.37 15.56 -6.44
N GLY B 366 0.15 16.78 -6.53
CA GLY B 366 0.37 17.37 -7.83
C GLY B 366 -0.91 18.01 -8.36
N LYS B 367 -0.79 18.57 -9.58
CA LYS B 367 -1.86 19.31 -10.18
C LYS B 367 -2.90 18.45 -10.82
N THR B 368 -4.09 18.98 -10.89
CA THR B 368 -5.19 18.26 -11.45
C THR B 368 -5.12 18.46 -12.96
N GLU B 369 -5.95 17.82 -13.76
CA GLU B 369 -5.88 17.98 -15.20
C GLU B 369 -6.31 19.36 -15.64
N GLN B 370 -7.49 19.69 -15.17
CA GLN B 370 -8.12 20.99 -15.42
C GLN B 370 -7.34 22.22 -14.94
N THR B 371 -6.59 22.13 -13.85
CA THR B 371 -5.71 23.20 -13.41
C THR B 371 -4.79 23.36 -14.59
N LEU B 372 -4.07 22.29 -14.97
CA LEU B 372 -3.12 22.32 -16.05
C LEU B 372 -3.75 22.73 -17.36
N LYS B 373 -4.98 22.39 -17.66
CA LYS B 373 -5.57 22.88 -18.89
C LYS B 373 -5.84 24.37 -18.83
N ALA B 374 -6.41 24.84 -17.70
CA ALA B 374 -6.70 26.25 -17.51
C ALA B 374 -5.40 27.03 -17.42
N GLU B 375 -4.31 26.41 -16.96
CA GLU B 375 -3.03 27.08 -16.94
C GLU B 375 -2.37 27.04 -18.32
N GLY B 376 -3.02 26.42 -19.30
CA GLY B 376 -2.53 26.28 -20.66
C GLY B 376 -1.30 25.39 -20.76
N VAL B 377 -1.33 24.26 -20.04
CA VAL B 377 -0.20 23.35 -20.02
C VAL B 377 -0.64 22.21 -20.89
N GLU B 378 0.21 21.80 -21.84
CA GLU B 378 -0.15 20.67 -22.67
C GLU B 378 0.55 19.51 -21.99
N VAL B 379 -0.32 18.60 -21.62
CA VAL B 379 0.05 17.45 -20.85
C VAL B 379 -0.32 16.14 -21.49
N ASN B 380 0.55 15.15 -21.42
CA ASN B 380 0.12 13.80 -21.80
C ASN B 380 -0.44 13.15 -20.56
N VAL B 381 -1.51 12.38 -20.60
CA VAL B 381 -1.91 11.65 -19.39
C VAL B 381 -1.95 10.11 -19.53
N GLY B 382 -1.59 9.30 -18.54
CA GLY B 382 -1.66 7.87 -18.63
C GLY B 382 -2.66 7.44 -17.59
N THR B 383 -3.50 6.45 -17.89
CA THR B 383 -4.50 5.87 -17.02
C THR B 383 -4.28 4.36 -16.95
N PHE B 384 -4.64 3.58 -15.92
CA PHE B 384 -4.47 2.15 -15.88
C PHE B 384 -5.55 1.67 -14.92
N PRO B 385 -6.54 0.88 -15.31
CA PRO B 385 -7.64 0.43 -14.46
C PRO B 385 -7.29 -0.64 -13.49
N PHE B 386 -7.94 -0.80 -12.33
CA PHE B 386 -7.51 -1.84 -11.43
C PHE B 386 -7.97 -3.21 -11.92
N ALA B 387 -8.85 -3.15 -12.90
CA ALA B 387 -9.38 -4.32 -13.52
C ALA B 387 -8.30 -4.95 -14.34
N ALA B 388 -7.31 -4.33 -14.91
CA ALA B 388 -6.24 -5.10 -15.47
C ALA B 388 -5.20 -5.43 -14.43
N SER B 389 -5.54 -5.41 -13.15
CA SER B 389 -4.50 -5.74 -12.24
C SER B 389 -4.65 -7.16 -11.74
N GLY B 390 -3.59 -7.96 -11.94
CA GLY B 390 -3.58 -9.31 -11.42
C GLY B 390 -3.76 -9.32 -9.91
N ARG B 391 -3.04 -8.43 -9.24
CA ARG B 391 -3.04 -8.43 -7.80
C ARG B 391 -4.36 -7.98 -7.34
N ALA B 392 -4.97 -7.03 -8.04
CA ALA B 392 -6.28 -6.54 -7.64
C ALA B 392 -7.27 -7.63 -7.88
N MET B 393 -7.13 -8.41 -8.96
CA MET B 393 -8.08 -9.48 -9.23
C MET B 393 -8.03 -10.52 -8.15
N ALA B 394 -6.80 -10.91 -7.76
CA ALA B 394 -6.65 -11.84 -6.66
C ALA B 394 -7.36 -11.29 -5.43
N ALA B 395 -7.09 -10.03 -5.15
CA ALA B 395 -7.69 -9.34 -4.01
C ALA B 395 -9.18 -9.13 -4.10
N ASN B 396 -9.77 -9.26 -5.25
CA ASN B 396 -11.18 -9.05 -5.44
C ASN B 396 -11.55 -7.59 -5.23
N ASP B 397 -10.63 -6.66 -5.55
CA ASP B 397 -10.85 -5.20 -5.39
C ASP B 397 -10.51 -4.51 -6.67
N THR B 398 -11.32 -4.36 -7.69
CA THR B 398 -10.83 -3.87 -8.96
C THR B 398 -11.32 -2.54 -9.44
N THR B 399 -12.11 -1.92 -8.56
CA THR B 399 -12.64 -0.61 -8.82
C THR B 399 -11.55 0.39 -8.81
N GLY B 400 -11.55 1.29 -9.75
CA GLY B 400 -10.61 2.36 -9.61
C GLY B 400 -9.64 2.40 -10.75
N LEU B 401 -8.78 3.42 -10.71
CA LEU B 401 -7.82 3.60 -11.78
C LEU B 401 -6.69 4.45 -11.30
N VAL B 402 -5.57 4.44 -11.99
CA VAL B 402 -4.51 5.37 -11.69
C VAL B 402 -4.46 6.43 -12.81
N LYS B 403 -3.84 7.59 -12.64
CA LYS B 403 -3.80 8.63 -13.66
C LYS B 403 -2.54 9.40 -13.36
N VAL B 404 -1.71 9.45 -14.34
CA VAL B 404 -0.50 10.15 -14.18
C VAL B 404 -0.66 11.21 -15.21
N ILE B 405 -0.15 12.39 -14.92
CA ILE B 405 -0.25 13.50 -15.85
C ILE B 405 1.17 13.94 -15.99
N ALA B 406 1.57 14.23 -17.21
CA ALA B 406 2.94 14.59 -17.39
C ALA B 406 3.01 15.75 -18.37
N ASP B 407 4.00 16.60 -18.21
CA ASP B 407 4.11 17.69 -19.13
C ASP B 407 4.35 17.03 -20.47
N ALA B 408 3.73 17.49 -21.53
CA ALA B 408 4.02 16.90 -22.83
C ALA B 408 5.37 17.33 -23.37
N LYS B 409 5.83 18.49 -22.97
CA LYS B 409 7.03 19.04 -23.53
C LYS B 409 8.20 18.35 -22.82
N THR B 410 8.41 18.55 -21.51
CA THR B 410 9.45 17.84 -20.77
C THR B 410 8.66 16.61 -20.39
N ASP B 411 9.16 15.49 -19.92
CA ASP B 411 8.17 14.48 -19.59
C ASP B 411 7.91 14.48 -18.08
N ARG B 412 7.98 15.64 -17.41
CA ARG B 412 7.92 15.66 -15.96
C ARG B 412 6.55 15.26 -15.48
N VAL B 413 6.55 14.43 -14.45
CA VAL B 413 5.26 14.00 -13.92
C VAL B 413 4.77 15.17 -13.10
N LEU B 414 3.58 15.68 -13.40
CA LEU B 414 2.92 16.81 -12.76
C LEU B 414 1.93 16.49 -11.67
N GLY B 415 1.22 15.38 -11.77
CA GLY B 415 0.30 14.98 -10.73
C GLY B 415 -0.01 13.52 -10.90
N VAL B 416 -0.24 12.83 -9.80
CA VAL B 416 -0.58 11.42 -9.79
C VAL B 416 -1.89 11.50 -9.04
N HIS B 417 -2.92 10.87 -9.60
CA HIS B 417 -4.26 10.82 -9.04
C HIS B 417 -4.75 9.36 -8.99
N VAL B 418 -5.25 8.75 -7.91
CA VAL B 418 -5.75 7.40 -8.03
C VAL B 418 -6.94 7.23 -7.13
N ILE B 419 -7.94 6.47 -7.56
CA ILE B 419 -9.07 6.09 -6.74
C ILE B 419 -8.91 4.60 -6.78
N GLY B 420 -8.94 3.85 -5.68
CA GLY B 420 -8.83 2.40 -5.76
C GLY B 420 -8.05 1.92 -4.57
N PRO B 421 -7.81 0.61 -4.49
CA PRO B 421 -7.05 -0.02 -3.43
C PRO B 421 -5.72 0.62 -3.18
N SER B 422 -5.39 0.96 -1.93
CA SER B 422 -4.12 1.58 -1.56
C SER B 422 -3.73 2.93 -2.15
N ALA B 423 -4.70 3.71 -2.66
CA ALA B 423 -4.40 4.99 -3.25
C ALA B 423 -3.32 5.81 -2.57
N ALA B 424 -3.34 5.81 -1.24
CA ALA B 424 -2.41 6.59 -0.49
C ALA B 424 -0.97 6.18 -0.76
N GLU B 425 -0.69 4.89 -0.70
CA GLU B 425 0.70 4.48 -0.85
C GLU B 425 1.13 4.64 -2.30
N LEU B 426 0.14 4.42 -3.21
CA LEU B 426 0.47 4.58 -4.61
C LEU B 426 0.84 6.04 -4.86
N VAL B 427 0.03 7.01 -4.36
CA VAL B 427 0.42 8.38 -4.58
C VAL B 427 1.70 8.72 -3.79
N GLN B 428 1.97 8.11 -2.65
CA GLN B 428 3.14 8.43 -1.93
C GLN B 428 4.30 7.98 -2.77
N GLN B 429 4.18 6.93 -3.61
CA GLN B 429 5.30 6.55 -4.49
C GLN B 429 5.45 7.61 -5.56
N GLY B 430 4.32 8.13 -6.05
CA GLY B 430 4.40 9.20 -7.04
C GLY B 430 5.09 10.45 -6.52
N ALA B 431 4.75 10.80 -5.26
CA ALA B 431 5.22 11.99 -4.56
C ALA B 431 6.71 11.82 -4.44
N ILE B 432 7.23 10.68 -3.99
CA ILE B 432 8.67 10.47 -3.94
C ILE B 432 9.29 10.62 -5.33
N GLY B 433 8.46 10.26 -6.33
CA GLY B 433 8.92 10.35 -7.70
C GLY B 433 9.22 11.78 -8.02
N MET B 434 8.11 12.46 -7.80
CA MET B 434 7.98 13.90 -8.01
C MET B 434 8.95 14.81 -7.22
N GLU B 435 9.26 14.45 -5.98
CA GLU B 435 10.16 15.17 -5.17
C GLU B 435 11.46 15.02 -5.90
N PHE B 436 11.83 13.92 -6.51
CA PHE B 436 13.12 13.84 -7.21
C PHE B 436 12.96 14.12 -8.69
N GLY B 437 11.77 14.47 -9.14
CA GLY B 437 11.65 14.90 -10.53
C GLY B 437 11.38 13.83 -11.59
N THR B 438 10.88 12.62 -11.26
CA THR B 438 10.55 11.61 -12.28
C THR B 438 9.84 12.22 -13.46
N SER B 439 10.26 11.67 -14.60
CA SER B 439 9.52 11.86 -15.82
C SER B 439 8.60 10.67 -15.91
N ALA B 440 7.66 10.52 -16.83
CA ALA B 440 6.86 9.26 -16.80
C ALA B 440 7.77 8.09 -17.13
N GLU B 441 8.67 8.28 -18.09
CA GLU B 441 9.57 7.24 -18.47
C GLU B 441 10.43 6.85 -17.31
N ASP B 442 10.90 7.72 -16.43
CA ASP B 442 11.68 7.23 -15.31
C ASP B 442 10.83 6.29 -14.48
N LEU B 443 9.55 6.55 -14.30
CA LEU B 443 8.76 5.64 -13.50
C LEU B 443 8.62 4.33 -14.20
N GLY B 444 8.51 4.49 -15.50
CA GLY B 444 8.39 3.37 -16.40
C GLY B 444 9.63 2.50 -16.39
N MET B 445 10.83 2.99 -16.37
CA MET B 445 11.97 2.13 -16.42
C MET B 445 12.29 1.50 -15.11
N MET B 446 11.46 1.61 -14.09
CA MET B 446 11.84 1.00 -12.86
C MET B 446 11.23 -0.39 -12.71
N VAL B 447 11.80 -1.26 -11.87
CA VAL B 447 11.31 -2.62 -11.76
C VAL B 447 10.21 -2.60 -10.70
N PHE B 448 8.93 -2.73 -10.95
CA PHE B 448 7.97 -2.80 -9.88
C PHE B 448 7.68 -4.27 -9.58
N SER B 449 7.82 -4.87 -8.39
CA SER B 449 7.37 -6.21 -8.02
C SER B 449 6.04 -6.70 -8.57
N HIS B 450 6.05 -7.96 -9.03
CA HIS B 450 4.87 -8.63 -9.56
C HIS B 450 4.40 -9.75 -8.67
N PRO B 451 3.10 -9.98 -8.41
CA PRO B 451 1.97 -9.09 -8.64
C PRO B 451 1.79 -8.15 -7.43
N THR B 452 1.63 -6.85 -7.66
CA THR B 452 1.37 -5.87 -6.61
C THR B 452 0.44 -4.79 -7.13
N LEU B 453 -0.38 -4.13 -6.29
CA LEU B 453 -1.10 -2.96 -6.75
C LEU B 453 -0.16 -1.86 -7.29
N SER B 454 1.06 -1.72 -6.74
CA SER B 454 2.03 -0.72 -7.18
C SER B 454 2.23 -0.67 -8.66
N GLU B 455 2.06 -1.82 -9.25
CA GLU B 455 2.21 -1.97 -10.69
C GLU B 455 1.30 -1.11 -11.49
N ALA B 456 0.12 -0.80 -10.96
CA ALA B 456 -0.83 0.05 -11.69
C ALA B 456 -0.23 1.44 -11.81
N LEU B 457 0.65 1.80 -10.85
CA LEU B 457 1.34 3.04 -10.97
C LEU B 457 2.29 2.87 -12.09
N HIS B 458 3.03 1.79 -12.15
CA HIS B 458 4.01 1.58 -13.19
C HIS B 458 3.38 1.61 -14.54
N GLU B 459 2.30 0.87 -14.73
CA GLU B 459 1.66 0.82 -16.01
C GLU B 459 1.19 2.17 -16.48
N ALA B 460 0.39 2.91 -15.69
CA ALA B 460 -0.12 4.18 -16.16
C ALA B 460 1.05 5.13 -16.47
N ALA B 461 2.22 5.07 -15.82
CA ALA B 461 3.35 5.91 -16.20
C ALA B 461 3.77 5.54 -17.63
N LEU B 462 3.77 4.24 -17.94
CA LEU B 462 4.13 3.74 -19.26
C LEU B 462 3.16 4.33 -20.28
N ALA B 463 1.90 4.08 -19.95
CA ALA B 463 0.78 4.53 -20.71
C ALA B 463 0.83 6.02 -20.95
N VAL B 464 1.43 6.91 -20.14
CA VAL B 464 1.50 8.35 -20.42
C VAL B 464 2.09 8.50 -21.82
N ASN B 465 3.14 7.74 -22.10
CA ASN B 465 3.81 7.81 -23.40
C ASN B 465 3.50 6.65 -24.36
N GLY B 466 2.32 6.01 -24.44
CA GLY B 466 2.07 4.92 -25.41
C GLY B 466 2.39 3.49 -24.95
N HIS B 467 3.56 3.13 -24.39
CA HIS B 467 3.83 1.74 -24.11
C HIS B 467 3.37 0.95 -22.93
N ALA B 468 2.10 0.99 -22.59
CA ALA B 468 1.74 0.28 -21.41
C ALA B 468 1.72 -1.15 -21.85
N ILE B 469 2.42 -2.05 -21.18
CA ILE B 469 2.33 -3.46 -21.49
C ILE B 469 0.95 -4.05 -21.40
N HIS B 470 0.26 -3.90 -20.30
CA HIS B 470 -0.99 -4.60 -20.17
C HIS B 470 -2.25 -3.90 -20.56
N ILE B 471 -2.15 -2.94 -21.51
CA ILE B 471 -3.36 -2.43 -22.11
C ILE B 471 -3.30 -1.86 -23.55
N ALA B 472 -2.45 -0.90 -24.01
CA ALA B 472 -2.47 -0.21 -25.36
C ALA B 472 -1.51 1.06 -25.46
PA FAD C . 7.59 -19.43 -17.06
O1A FAD C . 6.48 -18.72 -16.37
O2A FAD C . 8.06 -20.73 -16.54
O5B FAD C . 7.09 -19.48 -18.59
C5B FAD C . 7.74 -20.28 -19.59
C4B FAD C . 6.79 -20.68 -20.71
O4B FAD C . 7.57 -21.25 -21.78
C3B FAD C . 5.78 -21.73 -20.28
O3B FAD C . 4.43 -21.33 -20.52
C2B FAD C . 6.23 -22.98 -21.02
O2B FAD C . 5.10 -23.79 -21.35
C1B FAD C . 6.90 -22.42 -22.26
N9A FAD C . 7.83 -23.31 -22.99
C8A FAD C . 9.01 -23.75 -22.53
N7A FAD C . 9.72 -24.30 -23.52
C5A FAD C . 8.96 -24.18 -24.58
C6A FAD C . 9.40 -24.46 -25.85
N6A FAD C . 10.59 -25.00 -26.07
N1A FAD C . 8.59 -24.11 -26.83
C2A FAD C . 7.41 -23.56 -26.54
N3A FAD C . 6.97 -23.31 -25.32
C4A FAD C . 7.77 -23.59 -24.29
N1 FAD C . 7.37 -14.94 -8.86
C2 FAD C . 7.10 -13.67 -8.52
O2 FAD C . 7.72 -12.79 -9.10
N3 FAD C . 6.00 -13.35 -7.74
C4 FAD C . 5.14 -14.40 -7.38
O4 FAD C . 4.12 -14.16 -6.72
C4X FAD C . 5.42 -15.69 -7.81
N5 FAD C . 4.69 -16.69 -7.35
C5X FAD C . 4.96 -17.95 -7.67
C6 FAD C . 4.18 -18.95 -7.08
C7 FAD C . 4.44 -20.28 -7.30
C7M FAD C . 3.67 -21.34 -6.50
C8 FAD C . 5.46 -20.62 -8.15
C8M FAD C . 5.57 -22.01 -8.79
C9 FAD C . 6.29 -19.64 -8.65
C9A FAD C . 6.09 -18.26 -8.42
N10 FAD C . 6.81 -17.20 -8.89
C10 FAD C . 6.58 -15.96 -8.52
C1' FAD C . 7.81 -17.49 -9.85
C2' FAD C . 7.34 -16.99 -11.19
O2' FAD C . 6.20 -17.60 -11.74
C3' FAD C . 8.48 -17.27 -12.16
O3' FAD C . 9.62 -16.58 -11.68
C4' FAD C . 8.21 -16.69 -13.55
O4' FAD C . 6.93 -17.10 -13.99
C5' FAD C . 9.22 -17.13 -14.59
O5' FAD C . 8.81 -16.61 -15.85
P FAD C . 9.44 -17.12 -17.22
O1P FAD C . 8.72 -16.37 -18.28
O2P FAD C . 10.92 -17.17 -17.25
O3P FAD C . 8.96 -18.62 -17.14
PA FAD D . -5.81 20.79 16.11
O1A FAD D . -5.71 19.32 15.88
O2A FAD D . -7.13 21.44 16.17
O5B FAD D . -5.02 21.02 17.49
C5B FAD D . -5.23 22.25 18.22
C4B FAD D . -5.06 22.16 19.74
O4B FAD D . -4.80 23.45 20.35
C3B FAD D . -6.30 21.57 20.43
O3B FAD D . -5.93 20.49 21.29
C2B FAD D . -6.83 22.72 21.28
O2B FAD D . -7.46 22.17 22.45
C1B FAD D . -5.55 23.47 21.59
N9A FAD D . -5.77 24.87 22.01
C8A FAD D . -6.39 25.81 21.28
N7A FAD D . -6.20 27.03 21.82
C5A FAD D . -5.50 26.78 22.91
C6A FAD D . -5.12 27.75 23.79
N6A FAD D . -5.22 29.04 23.48
N1A FAD D . -4.41 27.30 24.83
C2A FAD D . -4.10 26.02 24.98
N3A FAD D . -4.47 25.08 24.12
C4A FAD D . -5.19 25.45 23.05
N1 FAD D . -6.49 15.51 8.54
C2 FAD D . -5.67 14.64 7.91
O2 FAD D . -4.54 15.00 7.56
N3 FAD D . -6.00 13.29 7.81
C4 FAD D . -7.19 12.87 8.44
O4 FAD D . -7.48 11.66 8.44
C4X FAD D . -8.00 13.80 9.12
N5 FAD D . -9.19 13.41 9.58
C5X FAD D . -10.04 14.29 10.11
C6 FAD D . -11.25 13.79 10.56
C7 FAD D . -12.19 14.62 11.18
C7M FAD D . -13.57 14.13 11.56
C8 FAD D . -11.87 15.95 11.33
C8M FAD D . -12.80 16.85 12.15
C9 FAD D . -10.69 16.46 10.79
C9A FAD D . -9.74 15.66 10.13
N10 FAD D . -8.52 16.00 9.68
C10 FAD D . -7.67 15.15 9.10
C1' FAD D . -8.10 17.35 9.93
C2' FAD D . -7.06 17.25 11.11
O2' FAD D . -7.51 16.94 12.42
C3' FAD D . -6.47 18.66 11.17
O3' FAD D . -6.00 18.96 9.86
C4' FAD D . -5.29 18.77 12.14
O4' FAD D . -5.55 18.06 13.36
C5' FAD D . -4.91 20.22 12.50
O5' FAD D . -3.76 20.23 13.37
P FAD D . -3.50 21.42 14.41
O1P FAD D . -2.42 20.97 15.31
O2P FAD D . -3.28 22.60 13.53
O3P FAD D . -4.90 21.62 15.14
#